data_2EMF
#
_entry.id   2EMF
#
loop_
_entity.id
_entity.type
_entity.pdbx_description
1 polymer 'Zinc finger protein 484'
2 non-polymer 'ZINC ION'
#
_entity_poly.entity_id   1
_entity_poly.type   'polypeptide(L)'
_entity_poly.pdbx_seq_one_letter_code
;GSSGSSGTGGKHFECTECGKAFTRKSTLSMHQKIHTGEKPSGPSSG
;
_entity_poly.pdbx_strand_id   A
#
loop_
_chem_comp.id
_chem_comp.type
_chem_comp.name
_chem_comp.formula
ZN non-polymer 'ZINC ION' 'Zn 2'
#
# COMPACT_ATOMS: atom_id res chain seq x y z
N GLY A 1 -14.33 23.65 3.20
CA GLY A 1 -14.02 23.57 1.79
C GLY A 1 -12.76 22.78 1.52
N SER A 2 -12.20 22.96 0.32
CA SER A 2 -10.98 22.25 -0.06
C SER A 2 -9.75 23.10 0.24
N SER A 3 -8.78 22.49 0.93
CA SER A 3 -7.55 23.18 1.30
C SER A 3 -6.34 22.50 0.67
N GLY A 4 -6.21 21.20 0.92
CA GLY A 4 -5.09 20.45 0.36
C GLY A 4 -5.51 19.53 -0.77
N SER A 5 -4.53 18.85 -1.37
CA SER A 5 -4.81 17.95 -2.47
C SER A 5 -4.33 16.53 -2.14
N SER A 6 -3.04 16.39 -1.90
CA SER A 6 -2.46 15.09 -1.57
C SER A 6 -1.62 15.17 -0.30
N GLY A 7 -2.29 15.07 0.85
CA GLY A 7 -1.60 15.14 2.12
C GLY A 7 -1.01 16.51 2.39
N THR A 8 0.01 16.55 3.23
CA THR A 8 0.67 17.81 3.58
C THR A 8 1.87 18.07 2.66
N GLY A 9 2.73 17.07 2.53
CA GLY A 9 3.91 17.23 1.69
C GLY A 9 4.64 15.91 1.48
N GLY A 10 4.92 15.22 2.58
CA GLY A 10 5.63 13.96 2.50
C GLY A 10 5.02 13.01 1.47
N LYS A 11 5.87 12.30 0.75
CA LYS A 11 5.41 11.37 -0.27
C LYS A 11 5.19 9.98 0.32
N HIS A 12 4.04 9.79 0.96
CA HIS A 12 3.70 8.51 1.57
C HIS A 12 2.77 7.70 0.68
N PHE A 13 3.17 6.47 0.38
CA PHE A 13 2.37 5.60 -0.48
C PHE A 13 1.63 4.56 0.35
N GLU A 14 0.31 4.55 0.23
CA GLU A 14 -0.52 3.60 0.97
C GLU A 14 -0.84 2.38 0.13
N CYS A 15 -1.11 1.26 0.79
CA CYS A 15 -1.42 0.02 0.10
C CYS A 15 -2.92 -0.08 -0.18
N THR A 16 -3.28 -0.10 -1.46
CA THR A 16 -4.68 -0.20 -1.86
C THR A 16 -5.30 -1.51 -1.40
N GLU A 17 -4.44 -2.46 -1.01
CA GLU A 17 -4.91 -3.77 -0.55
C GLU A 17 -5.38 -3.69 0.90
N CYS A 18 -4.45 -3.42 1.80
CA CYS A 18 -4.76 -3.32 3.22
C CYS A 18 -4.93 -1.87 3.65
N GLY A 19 -4.01 -1.01 3.20
CA GLY A 19 -4.08 0.39 3.54
C GLY A 19 -2.88 0.86 4.35
N LYS A 20 -1.80 0.07 4.30
CA LYS A 20 -0.59 0.41 5.03
C LYS A 20 0.17 1.54 4.34
N ALA A 21 0.51 2.58 5.10
CA ALA A 21 1.23 3.72 4.56
C ALA A 21 2.74 3.52 4.72
N PHE A 22 3.45 3.56 3.58
CA PHE A 22 4.89 3.39 3.59
C PHE A 22 5.60 4.68 3.17
N THR A 23 6.70 4.98 3.84
CA THR A 23 7.47 6.19 3.55
C THR A 23 8.42 5.96 2.37
N ARG A 24 8.34 4.78 1.78
CA ARG A 24 9.19 4.44 0.64
C ARG A 24 8.38 3.78 -0.46
N LYS A 25 8.56 4.26 -1.69
CA LYS A 25 7.85 3.72 -2.84
C LYS A 25 8.32 2.31 -3.16
N SER A 26 9.61 2.06 -2.98
CA SER A 26 10.19 0.75 -3.25
C SER A 26 9.79 -0.25 -2.18
N THR A 27 9.81 0.19 -0.92
CA THR A 27 9.45 -0.67 0.20
C THR A 27 8.03 -1.22 0.04
N LEU A 28 7.09 -0.32 -0.24
CA LEU A 28 5.70 -0.71 -0.43
C LEU A 28 5.55 -1.76 -1.53
N SER A 29 6.05 -1.43 -2.71
CA SER A 29 5.98 -2.34 -3.85
C SER A 29 6.33 -3.77 -3.42
N MET A 30 7.25 -3.88 -2.47
CA MET A 30 7.67 -5.18 -1.97
C MET A 30 6.64 -5.76 -1.01
N HIS A 31 5.95 -4.89 -0.28
CA HIS A 31 4.93 -5.31 0.67
C HIS A 31 3.68 -5.80 -0.06
N GLN A 32 3.25 -5.04 -1.06
CA GLN A 32 2.06 -5.39 -1.83
C GLN A 32 2.16 -6.82 -2.36
N LYS A 33 3.38 -7.32 -2.49
CA LYS A 33 3.61 -8.67 -2.98
C LYS A 33 2.94 -9.70 -2.06
N ILE A 34 2.77 -9.33 -0.80
CA ILE A 34 2.15 -10.22 0.18
C ILE A 34 0.67 -10.43 -0.14
N HIS A 35 0.07 -9.46 -0.83
CA HIS A 35 -1.33 -9.54 -1.20
C HIS A 35 -1.52 -10.36 -2.47
N THR A 36 -0.57 -10.23 -3.39
CA THR A 36 -0.62 -10.97 -4.65
C THR A 36 0.10 -12.30 -4.55
N GLY A 37 0.35 -12.74 -3.32
CA GLY A 37 1.03 -14.00 -3.10
C GLY A 37 0.10 -15.09 -2.63
N GLU A 38 -0.92 -15.39 -3.43
CA GLU A 38 -1.89 -16.42 -3.10
C GLU A 38 -1.86 -17.56 -4.11
N LYS A 39 -2.67 -18.59 -3.87
CA LYS A 39 -2.74 -19.74 -4.75
C LYS A 39 -2.59 -19.31 -6.21
N PRO A 40 -2.10 -20.23 -7.05
CA PRO A 40 -1.90 -19.98 -8.48
C PRO A 40 -3.22 -19.84 -9.23
N SER A 41 -3.59 -18.62 -9.57
CA SER A 41 -4.84 -18.37 -10.29
C SER A 41 -4.73 -18.83 -11.73
N GLY A 42 -3.70 -18.35 -12.43
CA GLY A 42 -3.50 -18.72 -13.82
C GLY A 42 -2.24 -18.12 -14.41
N PRO A 43 -1.10 -18.79 -14.20
CA PRO A 43 0.20 -18.34 -14.70
C PRO A 43 0.30 -18.45 -16.22
N SER A 44 1.42 -17.99 -16.77
CA SER A 44 1.65 -18.04 -18.21
C SER A 44 3.11 -18.34 -18.52
N SER A 45 3.42 -18.41 -19.81
CA SER A 45 4.79 -18.69 -20.24
C SER A 45 5.63 -17.42 -20.22
N GLY A 46 5.63 -16.73 -19.08
CA GLY A 46 6.39 -15.51 -18.94
C GLY A 46 7.37 -15.56 -17.79
ZN ZN B . -0.92 -4.29 1.90
N GLY A 1 -17.58 19.95 13.25
CA GLY A 1 -17.39 21.39 13.26
C GLY A 1 -16.10 21.81 12.58
N SER A 2 -14.97 21.38 13.13
CA SER A 2 -13.67 21.70 12.58
C SER A 2 -13.06 20.51 11.86
N SER A 3 -13.35 20.38 10.58
CA SER A 3 -12.83 19.28 9.77
C SER A 3 -11.91 19.79 8.67
N GLY A 4 -10.61 19.57 8.84
CA GLY A 4 -9.64 20.01 7.86
C GLY A 4 -8.24 19.57 8.18
N SER A 5 -7.45 20.47 8.74
CA SER A 5 -6.06 20.18 9.10
C SER A 5 -5.33 19.52 7.93
N SER A 6 -5.57 20.03 6.73
CA SER A 6 -4.94 19.51 5.53
C SER A 6 -3.43 19.71 5.58
N GLY A 7 -2.71 18.99 4.71
CA GLY A 7 -1.27 19.10 4.67
C GLY A 7 -0.57 17.77 4.83
N THR A 8 0.69 17.71 4.44
CA THR A 8 1.47 16.48 4.53
C THR A 8 2.97 16.78 4.53
N GLY A 9 3.75 15.84 5.08
CA GLY A 9 5.19 16.03 5.12
C GLY A 9 5.84 15.83 3.77
N GLY A 10 6.21 14.58 3.47
CA GLY A 10 6.85 14.29 2.20
C GLY A 10 5.92 13.56 1.24
N LYS A 11 6.25 12.30 0.95
CA LYS A 11 5.45 11.50 0.03
C LYS A 11 5.36 10.05 0.52
N HIS A 12 4.17 9.64 0.91
CA HIS A 12 3.95 8.28 1.39
C HIS A 12 2.97 7.53 0.49
N PHE A 13 3.21 6.24 0.30
CA PHE A 13 2.36 5.41 -0.54
C PHE A 13 1.57 4.41 0.31
N GLU A 14 0.25 4.44 0.18
CA GLU A 14 -0.62 3.54 0.93
C GLU A 14 -0.95 2.30 0.10
N CYS A 15 -1.09 1.17 0.80
CA CYS A 15 -1.40 -0.09 0.13
C CYS A 15 -2.90 -0.20 -0.15
N THR A 16 -3.26 -0.29 -1.42
CA THR A 16 -4.65 -0.40 -1.83
C THR A 16 -5.26 -1.71 -1.36
N GLU A 17 -4.41 -2.65 -0.96
CA GLU A 17 -4.86 -3.95 -0.48
C GLU A 17 -5.36 -3.85 0.96
N CYS A 18 -4.45 -3.53 1.87
CA CYS A 18 -4.79 -3.41 3.28
C CYS A 18 -4.95 -1.94 3.68
N GLY A 19 -3.99 -1.11 3.27
CA GLY A 19 -4.06 0.30 3.59
C GLY A 19 -2.83 0.77 4.36
N LYS A 20 -1.76 -0.02 4.31
CA LYS A 20 -0.54 0.32 5.02
C LYS A 20 0.22 1.43 4.28
N ALA A 21 0.62 2.46 5.02
CA ALA A 21 1.35 3.58 4.44
C ALA A 21 2.85 3.40 4.60
N PHE A 22 3.59 3.57 3.52
CA PHE A 22 5.04 3.42 3.53
C PHE A 22 5.72 4.70 3.07
N THR A 23 6.80 5.07 3.77
CA THR A 23 7.54 6.29 3.43
C THR A 23 8.58 6.00 2.34
N ARG A 24 8.33 4.97 1.54
CA ARG A 24 9.23 4.60 0.47
C ARG A 24 8.51 3.78 -0.60
N LYS A 25 8.34 4.37 -1.78
CA LYS A 25 7.67 3.70 -2.88
C LYS A 25 8.24 2.30 -3.10
N SER A 26 9.53 2.14 -2.81
CA SER A 26 10.20 0.85 -2.97
C SER A 26 9.71 -0.15 -1.94
N THR A 27 9.80 0.22 -0.67
CA THR A 27 9.36 -0.64 0.42
C THR A 27 7.96 -1.18 0.17
N LEU A 28 7.05 -0.29 -0.19
CA LEU A 28 5.67 -0.65 -0.47
C LEU A 28 5.60 -1.71 -1.56
N SER A 29 6.15 -1.40 -2.72
CA SER A 29 6.15 -2.32 -3.85
C SER A 29 6.46 -3.74 -3.39
N MET A 30 7.30 -3.86 -2.37
CA MET A 30 7.68 -5.16 -1.84
C MET A 30 6.60 -5.69 -0.89
N HIS A 31 5.93 -4.78 -0.19
CA HIS A 31 4.88 -5.15 0.74
C HIS A 31 3.63 -5.62 0.00
N GLN A 32 3.28 -4.89 -1.06
CA GLN A 32 2.10 -5.23 -1.85
C GLN A 32 2.17 -6.66 -2.34
N LYS A 33 3.37 -7.23 -2.32
CA LYS A 33 3.57 -8.62 -2.77
C LYS A 33 2.93 -9.60 -1.80
N ILE A 34 2.52 -9.10 -0.64
CA ILE A 34 1.88 -9.94 0.37
C ILE A 34 0.42 -10.22 0.01
N HIS A 35 -0.10 -9.47 -0.96
CA HIS A 35 -1.47 -9.65 -1.40
C HIS A 35 -1.53 -10.27 -2.79
N THR A 36 -0.47 -10.06 -3.57
CA THR A 36 -0.40 -10.60 -4.92
C THR A 36 -0.51 -12.12 -4.91
N GLY A 37 0.13 -12.75 -3.94
CA GLY A 37 0.09 -14.20 -3.82
C GLY A 37 -1.26 -14.77 -4.23
N GLU A 38 -2.29 -14.45 -3.46
CA GLU A 38 -3.63 -14.93 -3.74
C GLU A 38 -4.34 -14.04 -4.75
N LYS A 39 -3.60 -13.59 -5.76
CA LYS A 39 -4.14 -12.72 -6.79
C LYS A 39 -3.36 -12.86 -8.10
N PRO A 40 -4.06 -12.68 -9.22
CA PRO A 40 -3.45 -12.78 -10.56
C PRO A 40 -2.49 -11.64 -10.84
N SER A 41 -1.80 -11.71 -11.98
CA SER A 41 -0.84 -10.69 -12.37
C SER A 41 0.38 -10.71 -11.45
N GLY A 42 0.76 -11.90 -11.00
CA GLY A 42 1.92 -12.05 -10.13
C GLY A 42 2.95 -12.99 -10.68
N PRO A 43 4.11 -13.07 -10.02
CA PRO A 43 5.22 -13.93 -10.44
C PRO A 43 4.90 -15.41 -10.24
N SER A 44 5.75 -16.28 -10.79
CA SER A 44 5.56 -17.72 -10.68
C SER A 44 5.60 -18.15 -9.22
N SER A 45 4.43 -18.48 -8.67
CA SER A 45 4.34 -18.91 -7.28
C SER A 45 3.97 -20.39 -7.20
N GLY A 46 4.81 -21.17 -6.55
CA GLY A 46 4.57 -22.60 -6.41
C GLY A 46 5.54 -23.45 -7.19
ZN ZN B . -0.92 -4.36 2.05
N GLY A 1 -12.57 29.08 -4.85
CA GLY A 1 -11.39 29.59 -5.51
C GLY A 1 -10.33 28.52 -5.70
N SER A 2 -10.14 28.08 -6.94
CA SER A 2 -9.15 27.05 -7.23
C SER A 2 -7.84 27.68 -7.70
N SER A 3 -7.00 28.05 -6.74
CA SER A 3 -5.72 28.67 -7.05
C SER A 3 -4.59 28.01 -6.25
N GLY A 4 -4.11 26.88 -6.76
CA GLY A 4 -3.04 26.16 -6.09
C GLY A 4 -3.49 25.54 -4.78
N SER A 5 -3.57 24.22 -4.75
CA SER A 5 -4.00 23.50 -3.55
C SER A 5 -2.96 22.47 -3.14
N SER A 6 -2.11 22.85 -2.18
CA SER A 6 -1.06 21.96 -1.69
C SER A 6 -0.44 22.51 -0.41
N GLY A 7 -0.28 21.63 0.58
CA GLY A 7 0.30 22.05 1.84
C GLY A 7 1.64 21.38 2.11
N THR A 8 2.52 21.42 1.12
CA THR A 8 3.84 20.81 1.25
C THR A 8 3.79 19.57 2.13
N GLY A 9 2.79 18.72 1.89
CA GLY A 9 2.65 17.49 2.66
C GLY A 9 3.56 16.38 2.18
N GLY A 10 3.64 15.31 2.94
CA GLY A 10 4.48 14.19 2.57
C GLY A 10 3.76 13.18 1.69
N LYS A 11 4.31 12.92 0.51
CA LYS A 11 3.71 11.97 -0.42
C LYS A 11 3.93 10.53 0.04
N HIS A 12 3.07 10.07 0.94
CA HIS A 12 3.18 8.71 1.47
C HIS A 12 2.40 7.73 0.60
N PHE A 13 3.02 6.60 0.29
CA PHE A 13 2.39 5.58 -0.54
C PHE A 13 1.63 4.58 0.32
N GLU A 14 0.30 4.57 0.18
CA GLU A 14 -0.54 3.67 0.95
C GLU A 14 -0.92 2.44 0.13
N CYS A 15 -1.02 1.30 0.78
CA CYS A 15 -1.38 0.05 0.12
C CYS A 15 -2.87 -0.02 -0.17
N THR A 16 -3.22 -0.17 -1.44
CA THR A 16 -4.63 -0.25 -1.85
C THR A 16 -5.25 -1.57 -1.42
N GLU A 17 -4.42 -2.48 -0.93
CA GLU A 17 -4.90 -3.78 -0.48
C GLU A 17 -5.35 -3.72 0.97
N CYS A 18 -4.41 -3.43 1.87
CA CYS A 18 -4.71 -3.34 3.29
C CYS A 18 -4.90 -1.88 3.72
N GLY A 19 -3.99 -1.02 3.28
CA GLY A 19 -4.07 0.38 3.63
C GLY A 19 -2.86 0.86 4.41
N LYS A 20 -1.77 0.11 4.31
CA LYS A 20 -0.54 0.46 5.03
C LYS A 20 0.20 1.58 4.29
N ALA A 21 0.64 2.58 5.05
CA ALA A 21 1.38 3.70 4.47
C ALA A 21 2.88 3.53 4.65
N PHE A 22 3.60 3.53 3.53
CA PHE A 22 5.05 3.37 3.57
C PHE A 22 5.75 4.65 3.12
N THR A 23 6.86 4.96 3.78
CA THR A 23 7.63 6.16 3.45
C THR A 23 8.60 5.89 2.31
N ARG A 24 8.47 4.73 1.68
CA ARG A 24 9.35 4.36 0.58
C ARG A 24 8.56 3.64 -0.52
N LYS A 25 8.67 4.15 -1.74
CA LYS A 25 7.98 3.56 -2.88
C LYS A 25 8.39 2.10 -3.08
N SER A 26 9.68 1.83 -2.91
CA SER A 26 10.19 0.48 -3.07
C SER A 26 9.69 -0.44 -1.96
N THR A 27 9.74 0.07 -0.73
CA THR A 27 9.30 -0.70 0.43
C THR A 27 7.88 -1.23 0.22
N LEU A 28 6.98 -0.34 -0.19
CA LEU A 28 5.59 -0.71 -0.42
C LEU A 28 5.48 -1.75 -1.53
N SER A 29 6.00 -1.41 -2.70
CA SER A 29 5.97 -2.32 -3.84
C SER A 29 6.36 -3.73 -3.42
N MET A 30 7.22 -3.83 -2.42
CA MET A 30 7.68 -5.12 -1.93
C MET A 30 6.65 -5.73 -0.97
N HIS A 31 5.92 -4.86 -0.27
CA HIS A 31 4.91 -5.31 0.68
C HIS A 31 3.65 -5.79 -0.04
N GLN A 32 3.22 -5.01 -1.04
CA GLN A 32 2.04 -5.35 -1.80
C GLN A 32 2.12 -6.77 -2.37
N LYS A 33 3.35 -7.26 -2.49
CA LYS A 33 3.59 -8.61 -3.01
C LYS A 33 2.95 -9.66 -2.12
N ILE A 34 2.75 -9.31 -0.84
CA ILE A 34 2.15 -10.23 0.11
C ILE A 34 0.68 -10.47 -0.21
N HIS A 35 0.05 -9.49 -0.85
CA HIS A 35 -1.36 -9.60 -1.23
C HIS A 35 -1.51 -10.36 -2.54
N THR A 36 -0.59 -10.13 -3.47
CA THR A 36 -0.62 -10.80 -4.76
C THR A 36 0.38 -11.94 -4.82
N GLY A 37 0.85 -12.37 -3.66
CA GLY A 37 1.81 -13.45 -3.60
C GLY A 37 1.15 -14.82 -3.70
N GLU A 38 1.96 -15.87 -3.59
CA GLU A 38 1.44 -17.22 -3.68
C GLU A 38 0.40 -17.49 -2.59
N LYS A 39 -0.47 -18.46 -2.83
CA LYS A 39 -1.52 -18.81 -1.88
C LYS A 39 -1.49 -20.30 -1.55
N PRO A 40 -1.94 -20.64 -0.34
CA PRO A 40 -1.97 -22.04 0.13
C PRO A 40 -3.01 -22.87 -0.61
N SER A 41 -2.61 -23.48 -1.72
CA SER A 41 -3.51 -24.30 -2.51
C SER A 41 -4.06 -25.46 -1.68
N GLY A 42 -5.26 -25.91 -2.04
CA GLY A 42 -5.89 -27.00 -1.32
C GLY A 42 -7.12 -26.57 -0.57
N PRO A 43 -7.51 -27.34 0.47
CA PRO A 43 -8.68 -27.05 1.28
C PRO A 43 -8.49 -25.83 2.16
N SER A 44 -9.56 -25.38 2.81
CA SER A 44 -9.50 -24.22 3.69
C SER A 44 -9.00 -24.60 5.07
N SER A 45 -7.99 -25.46 5.12
CA SER A 45 -7.42 -25.91 6.38
C SER A 45 -7.30 -24.75 7.36
N GLY A 46 -8.19 -24.72 8.34
CA GLY A 46 -8.17 -23.66 9.34
C GLY A 46 -9.13 -22.53 9.01
ZN ZN B . -0.94 -4.24 1.98
N GLY A 1 -21.09 11.50 7.59
CA GLY A 1 -20.19 12.03 8.60
C GLY A 1 -18.73 11.75 8.29
N SER A 2 -18.14 12.59 7.45
CA SER A 2 -16.74 12.42 7.07
C SER A 2 -16.19 13.69 6.43
N SER A 3 -15.04 14.15 6.93
CA SER A 3 -14.41 15.36 6.42
C SER A 3 -13.00 15.51 6.98
N GLY A 4 -12.03 15.70 6.09
CA GLY A 4 -10.65 15.85 6.51
C GLY A 4 -9.72 14.89 5.81
N SER A 5 -8.89 15.42 4.91
CA SER A 5 -7.95 14.60 4.16
C SER A 5 -6.94 13.94 5.10
N SER A 6 -6.40 14.73 6.02
CA SER A 6 -5.43 14.22 6.98
C SER A 6 -4.17 13.72 6.26
N GLY A 7 -3.73 14.48 5.26
CA GLY A 7 -2.55 14.09 4.51
C GLY A 7 -1.74 15.29 4.05
N THR A 8 -1.33 16.12 5.00
CA THR A 8 -0.55 17.32 4.70
C THR A 8 0.92 17.11 5.02
N GLY A 9 1.43 15.93 4.71
CA GLY A 9 2.83 15.62 4.98
C GLY A 9 3.67 15.56 3.72
N GLY A 10 4.39 14.46 3.54
CA GLY A 10 5.23 14.31 2.38
C GLY A 10 4.58 13.43 1.31
N LYS A 11 5.38 12.56 0.71
CA LYS A 11 4.88 11.65 -0.34
C LYS A 11 4.85 10.22 0.17
N HIS A 12 3.77 9.86 0.87
CA HIS A 12 3.62 8.52 1.40
C HIS A 12 2.69 7.69 0.52
N PHE A 13 3.02 6.42 0.34
CA PHE A 13 2.21 5.52 -0.48
C PHE A 13 1.41 4.56 0.39
N GLU A 14 0.11 4.48 0.14
CA GLU A 14 -0.77 3.60 0.90
C GLU A 14 -1.12 2.35 0.10
N CYS A 15 -1.12 1.20 0.77
CA CYS A 15 -1.43 -0.06 0.12
C CYS A 15 -2.93 -0.20 -0.13
N THR A 16 -3.32 -0.18 -1.40
CA THR A 16 -4.73 -0.30 -1.76
C THR A 16 -5.31 -1.65 -1.34
N GLU A 17 -4.42 -2.55 -0.90
CA GLU A 17 -4.84 -3.87 -0.45
C GLU A 17 -5.29 -3.85 1.00
N CYS A 18 -4.40 -3.40 1.89
CA CYS A 18 -4.71 -3.33 3.31
C CYS A 18 -4.88 -1.88 3.76
N GLY A 19 -4.04 -1.00 3.22
CA GLY A 19 -4.12 0.40 3.58
C GLY A 19 -2.90 0.88 4.34
N LYS A 20 -1.86 0.06 4.35
CA LYS A 20 -0.62 0.41 5.05
C LYS A 20 0.12 1.52 4.32
N ALA A 21 0.65 2.48 5.08
CA ALA A 21 1.38 3.60 4.51
C ALA A 21 2.89 3.36 4.61
N PHE A 22 3.60 3.61 3.51
CA PHE A 22 5.04 3.42 3.48
C PHE A 22 5.74 4.71 3.04
N THR A 23 6.82 5.06 3.74
CA THR A 23 7.58 6.27 3.43
C THR A 23 8.49 6.05 2.23
N ARG A 24 8.46 4.82 1.69
CA ARG A 24 9.29 4.49 0.53
C ARG A 24 8.47 3.74 -0.52
N LYS A 25 8.49 4.26 -1.75
CA LYS A 25 7.74 3.65 -2.85
C LYS A 25 8.28 2.25 -3.15
N SER A 26 9.57 2.05 -2.91
CA SER A 26 10.20 0.76 -3.16
C SER A 26 9.82 -0.26 -2.08
N THR A 27 9.90 0.17 -0.82
CA THR A 27 9.57 -0.69 0.30
C THR A 27 8.14 -1.21 0.18
N LEU A 28 7.22 -0.32 -0.17
CA LEU A 28 5.81 -0.69 -0.32
C LEU A 28 5.64 -1.74 -1.41
N SER A 29 6.23 -1.47 -2.58
CA SER A 29 6.13 -2.39 -3.70
C SER A 29 6.44 -3.82 -3.26
N MET A 30 7.36 -3.96 -2.33
CA MET A 30 7.76 -5.28 -1.82
C MET A 30 6.69 -5.83 -0.89
N HIS A 31 6.01 -4.94 -0.17
CA HIS A 31 4.96 -5.33 0.76
C HIS A 31 3.70 -5.76 0.01
N GLN A 32 3.34 -5.00 -1.02
CA GLN A 32 2.16 -5.29 -1.81
C GLN A 32 2.20 -6.72 -2.34
N LYS A 33 3.40 -7.30 -2.39
CA LYS A 33 3.58 -8.66 -2.88
C LYS A 33 2.88 -9.66 -1.97
N ILE A 34 2.61 -9.24 -0.73
CA ILE A 34 1.94 -10.10 0.25
C ILE A 34 0.47 -10.27 -0.10
N HIS A 35 -0.01 -9.45 -1.04
CA HIS A 35 -1.41 -9.52 -1.45
C HIS A 35 -1.53 -10.13 -2.84
N THR A 36 -0.43 -10.09 -3.60
CA THR A 36 -0.41 -10.64 -4.95
C THR A 36 -0.57 -12.16 -4.93
N GLY A 37 0.11 -12.81 -3.98
CA GLY A 37 0.03 -14.24 -3.87
C GLY A 37 -1.26 -14.71 -3.23
N GLU A 38 -2.30 -14.87 -4.04
CA GLU A 38 -3.59 -15.31 -3.54
C GLU A 38 -4.21 -16.35 -4.47
N LYS A 39 -5.09 -17.20 -3.92
CA LYS A 39 -5.74 -18.23 -4.70
C LYS A 39 -6.11 -17.73 -6.08
N PRO A 40 -6.20 -18.65 -7.05
CA PRO A 40 -6.55 -18.32 -8.44
C PRO A 40 -8.01 -17.91 -8.58
N SER A 41 -8.85 -18.40 -7.67
CA SER A 41 -10.28 -18.07 -7.71
C SER A 41 -10.49 -16.57 -7.82
N GLY A 42 -11.43 -16.17 -8.66
CA GLY A 42 -11.73 -14.76 -8.84
C GLY A 42 -13.18 -14.42 -8.58
N PRO A 43 -13.45 -13.15 -8.29
CA PRO A 43 -14.81 -12.68 -8.01
C PRO A 43 -15.69 -12.67 -9.25
N SER A 44 -16.92 -13.19 -9.11
CA SER A 44 -17.85 -13.25 -10.23
C SER A 44 -18.47 -11.88 -10.50
N SER A 45 -18.23 -10.93 -9.59
CA SER A 45 -18.76 -9.59 -9.73
C SER A 45 -20.21 -9.62 -10.22
N GLY A 46 -21.01 -10.49 -9.61
CA GLY A 46 -22.41 -10.61 -9.99
C GLY A 46 -22.61 -10.47 -11.49
ZN ZN B . -0.83 -4.30 2.01
N GLY A 1 0.79 24.93 0.41
CA GLY A 1 -0.64 25.16 0.40
C GLY A 1 -1.33 24.60 1.64
N SER A 2 -2.48 25.17 1.97
CA SER A 2 -3.24 24.72 3.13
C SER A 2 -4.13 23.53 2.78
N SER A 3 -3.55 22.53 2.13
CA SER A 3 -4.29 21.34 1.73
C SER A 3 -4.45 20.39 2.91
N GLY A 4 -3.34 20.11 3.59
CA GLY A 4 -3.38 19.21 4.74
C GLY A 4 -4.24 19.75 5.87
N SER A 5 -5.44 19.21 6.01
CA SER A 5 -6.35 19.65 7.06
C SER A 5 -5.63 19.77 8.40
N SER A 6 -4.87 18.73 8.74
CA SER A 6 -4.14 18.72 10.01
C SER A 6 -2.90 17.82 9.89
N GLY A 7 -1.75 18.37 10.26
CA GLY A 7 -0.52 17.61 10.19
C GLY A 7 0.43 18.12 9.11
N THR A 8 1.65 17.60 9.10
CA THR A 8 2.64 18.01 8.12
C THR A 8 3.49 16.82 7.66
N GLY A 9 3.62 16.67 6.35
CA GLY A 9 4.40 15.57 5.81
C GLY A 9 4.54 15.64 4.31
N GLY A 10 5.39 14.78 3.75
CA GLY A 10 5.59 14.76 2.31
C GLY A 10 4.75 13.73 1.61
N LYS A 11 5.18 13.30 0.43
CA LYS A 11 4.46 12.29 -0.34
C LYS A 11 4.57 10.92 0.31
N HIS A 12 3.43 10.22 0.39
CA HIS A 12 3.40 8.90 0.99
C HIS A 12 2.60 7.93 0.13
N PHE A 13 2.91 6.64 0.25
CA PHE A 13 2.22 5.61 -0.54
C PHE A 13 1.47 4.65 0.39
N GLU A 14 0.18 4.47 0.11
CA GLU A 14 -0.65 3.57 0.91
C GLU A 14 -1.01 2.32 0.11
N CYS A 15 -1.12 1.19 0.82
CA CYS A 15 -1.47 -0.07 0.18
C CYS A 15 -2.98 -0.18 -0.04
N THR A 16 -3.39 -0.17 -1.31
CA THR A 16 -4.80 -0.27 -1.66
C THR A 16 -5.39 -1.59 -1.18
N GLU A 17 -4.53 -2.52 -0.78
CA GLU A 17 -4.98 -3.82 -0.31
C GLU A 17 -5.39 -3.76 1.16
N CYS A 18 -4.43 -3.44 2.02
CA CYS A 18 -4.68 -3.34 3.45
C CYS A 18 -4.88 -1.88 3.87
N GLY A 19 -4.02 -1.01 3.37
CA GLY A 19 -4.11 0.40 3.70
C GLY A 19 -2.91 0.89 4.48
N LYS A 20 -1.79 0.18 4.34
CA LYS A 20 -0.56 0.55 5.03
C LYS A 20 0.19 1.63 4.28
N ALA A 21 0.57 2.69 4.99
CA ALA A 21 1.31 3.80 4.38
C ALA A 21 2.81 3.65 4.60
N PHE A 22 3.55 3.50 3.51
CA PHE A 22 5.00 3.35 3.59
C PHE A 22 5.71 4.63 3.14
N THR A 23 6.82 4.94 3.79
CA THR A 23 7.60 6.13 3.46
C THR A 23 8.64 5.83 2.39
N ARG A 24 8.49 4.68 1.73
CA ARG A 24 9.43 4.28 0.69
C ARG A 24 8.71 3.53 -0.43
N LYS A 25 8.53 4.21 -1.56
CA LYS A 25 7.86 3.62 -2.71
C LYS A 25 8.34 2.20 -2.94
N SER A 26 9.65 1.99 -2.84
CA SER A 26 10.25 0.68 -3.05
C SER A 26 9.79 -0.30 -1.98
N THR A 27 9.82 0.14 -0.72
CA THR A 27 9.40 -0.69 0.40
C THR A 27 8.00 -1.24 0.19
N LEU A 28 7.06 -0.34 -0.09
CA LEU A 28 5.67 -0.73 -0.32
C LEU A 28 5.57 -1.76 -1.44
N SER A 29 6.24 -1.48 -2.56
CA SER A 29 6.22 -2.38 -3.71
C SER A 29 6.56 -3.80 -3.28
N MET A 30 7.40 -3.92 -2.25
CA MET A 30 7.80 -5.23 -1.75
C MET A 30 6.71 -5.83 -0.86
N HIS A 31 5.95 -4.96 -0.21
CA HIS A 31 4.88 -5.40 0.67
C HIS A 31 3.66 -5.84 -0.12
N GLN A 32 3.29 -5.04 -1.12
CA GLN A 32 2.13 -5.35 -1.96
C GLN A 32 2.27 -6.73 -2.59
N LYS A 33 3.47 -7.29 -2.53
CA LYS A 33 3.73 -8.61 -3.09
C LYS A 33 3.08 -9.69 -2.25
N ILE A 34 2.78 -9.37 -1.00
CA ILE A 34 2.15 -10.32 -0.09
C ILE A 34 0.66 -10.43 -0.36
N HIS A 35 0.11 -9.45 -1.08
CA HIS A 35 -1.30 -9.44 -1.41
C HIS A 35 -1.57 -10.21 -2.70
N THR A 36 -0.63 -10.11 -3.64
CA THR A 36 -0.77 -10.79 -4.93
C THR A 36 -0.25 -12.21 -4.86
N GLY A 37 0.77 -12.43 -4.02
CA GLY A 37 1.34 -13.75 -3.87
C GLY A 37 2.26 -14.12 -5.02
N GLU A 38 1.68 -14.72 -6.06
CA GLU A 38 2.45 -15.13 -7.23
C GLU A 38 2.13 -14.24 -8.42
N LYS A 39 3.05 -14.21 -9.39
CA LYS A 39 2.87 -13.40 -10.59
C LYS A 39 1.48 -13.62 -11.20
N PRO A 40 0.89 -12.56 -11.73
CA PRO A 40 -0.44 -12.62 -12.36
C PRO A 40 -0.43 -13.39 -13.67
N SER A 41 -1.59 -13.46 -14.32
CA SER A 41 -1.72 -14.19 -15.58
C SER A 41 -0.61 -13.77 -16.55
N GLY A 42 -0.26 -14.68 -17.46
CA GLY A 42 0.78 -14.39 -18.43
C GLY A 42 0.67 -12.99 -19.00
N PRO A 43 -0.41 -12.75 -19.75
CA PRO A 43 -0.66 -11.44 -20.38
C PRO A 43 -0.99 -10.36 -19.35
N SER A 44 -0.01 -9.55 -19.02
CA SER A 44 -0.19 -8.47 -18.04
C SER A 44 -1.28 -7.50 -18.51
N SER A 45 -1.90 -6.81 -17.56
CA SER A 45 -2.96 -5.87 -17.86
C SER A 45 -2.42 -4.68 -18.66
N GLY A 46 -1.10 -4.61 -18.77
CA GLY A 46 -0.47 -3.53 -19.51
C GLY A 46 1.01 -3.42 -19.23
ZN ZN B . -0.95 -4.34 2.05
N GLY A 1 -20.07 12.15 0.50
CA GLY A 1 -18.95 11.78 1.34
C GLY A 1 -17.61 12.16 0.73
N SER A 2 -16.64 12.46 1.58
CA SER A 2 -15.32 12.85 1.12
C SER A 2 -14.25 12.42 2.12
N SER A 3 -13.09 12.01 1.59
CA SER A 3 -11.99 11.56 2.45
C SER A 3 -11.13 12.74 2.88
N GLY A 4 -10.39 12.56 3.98
CA GLY A 4 -9.54 13.63 4.48
C GLY A 4 -8.07 13.23 4.48
N SER A 5 -7.39 13.50 3.37
CA SER A 5 -5.97 13.17 3.24
C SER A 5 -5.16 14.42 2.93
N SER A 6 -4.34 14.84 3.90
CA SER A 6 -3.51 16.02 3.73
C SER A 6 -2.03 15.64 3.69
N GLY A 7 -1.27 16.35 2.87
CA GLY A 7 0.15 16.08 2.74
C GLY A 7 0.96 17.33 2.46
N THR A 8 1.64 17.83 3.49
CA THR A 8 2.46 19.03 3.34
C THR A 8 3.76 18.73 2.61
N GLY A 9 3.66 18.52 1.31
CA GLY A 9 4.85 18.22 0.51
C GLY A 9 5.12 16.73 0.42
N GLY A 10 5.22 16.08 1.57
CA GLY A 10 5.49 14.66 1.58
C GLY A 10 4.42 13.86 0.88
N LYS A 11 4.83 12.80 0.17
CA LYS A 11 3.88 11.96 -0.56
C LYS A 11 4.07 10.50 -0.17
N HIS A 12 3.33 10.05 0.84
CA HIS A 12 3.41 8.67 1.29
C HIS A 12 2.54 7.76 0.43
N PHE A 13 2.99 6.52 0.25
CA PHE A 13 2.25 5.55 -0.56
C PHE A 13 1.47 4.59 0.33
N GLU A 14 0.17 4.49 0.09
CA GLU A 14 -0.68 3.60 0.86
C GLU A 14 -1.05 2.36 0.06
N CYS A 15 -1.09 1.22 0.74
CA CYS A 15 -1.42 -0.05 0.09
C CYS A 15 -2.92 -0.15 -0.16
N THR A 16 -3.29 -0.21 -1.44
CA THR A 16 -4.69 -0.30 -1.82
C THR A 16 -5.28 -1.65 -1.40
N GLU A 17 -4.43 -2.54 -0.91
CA GLU A 17 -4.86 -3.86 -0.48
C GLU A 17 -5.33 -3.83 0.99
N CYS A 18 -4.41 -3.48 1.88
CA CYS A 18 -4.72 -3.42 3.30
C CYS A 18 -4.89 -1.96 3.76
N GLY A 19 -3.97 -1.10 3.34
CA GLY A 19 -4.04 0.30 3.70
C GLY A 19 -2.84 0.76 4.48
N LYS A 20 -1.74 0.01 4.37
CA LYS A 20 -0.49 0.34 5.06
C LYS A 20 0.19 1.52 4.39
N ALA A 21 0.74 2.42 5.20
CA ALA A 21 1.44 3.59 4.69
C ALA A 21 2.95 3.40 4.75
N PHE A 22 3.62 3.61 3.62
CA PHE A 22 5.07 3.45 3.55
C PHE A 22 5.73 4.75 3.10
N THR A 23 6.79 5.15 3.81
CA THR A 23 7.51 6.37 3.47
C THR A 23 8.39 6.17 2.26
N ARG A 24 8.40 4.96 1.73
CA ARG A 24 9.21 4.64 0.55
C ARG A 24 8.36 3.97 -0.53
N LYS A 25 8.73 4.19 -1.79
CA LYS A 25 8.00 3.62 -2.91
C LYS A 25 8.48 2.19 -3.18
N SER A 26 9.74 1.92 -2.87
CA SER A 26 10.31 0.59 -3.08
C SER A 26 9.91 -0.36 -1.96
N THR A 27 9.92 0.15 -0.72
CA THR A 27 9.56 -0.65 0.43
C THR A 27 8.14 -1.19 0.32
N LEU A 28 7.25 -0.37 -0.22
CA LEU A 28 5.85 -0.76 -0.39
C LEU A 28 5.71 -1.78 -1.52
N SER A 29 6.29 -1.46 -2.68
CA SER A 29 6.22 -2.34 -3.84
C SER A 29 6.48 -3.79 -3.43
N MET A 30 7.33 -3.97 -2.42
CA MET A 30 7.67 -5.30 -1.94
C MET A 30 6.58 -5.83 -1.00
N HIS A 31 5.96 -4.92 -0.25
CA HIS A 31 4.92 -5.29 0.69
C HIS A 31 3.65 -5.73 -0.05
N GLN A 32 3.32 -5.00 -1.13
CA GLN A 32 2.13 -5.31 -1.91
C GLN A 32 2.17 -6.75 -2.41
N LYS A 33 3.35 -7.36 -2.36
CA LYS A 33 3.52 -8.74 -2.81
C LYS A 33 2.83 -9.71 -1.84
N ILE A 34 2.49 -9.21 -0.66
CA ILE A 34 1.83 -10.03 0.35
C ILE A 34 0.36 -10.27 -0.02
N HIS A 35 -0.13 -9.52 -1.00
CA HIS A 35 -1.50 -9.66 -1.44
C HIS A 35 -1.57 -10.28 -2.83
N THR A 36 -0.53 -10.05 -3.63
CA THR A 36 -0.47 -10.58 -4.98
C THR A 36 -0.53 -12.10 -4.98
N GLY A 37 0.16 -12.72 -4.01
CA GLY A 37 0.17 -14.16 -3.92
C GLY A 37 -0.34 -14.66 -2.58
N GLU A 38 -0.26 -15.96 -2.36
CA GLU A 38 -0.72 -16.56 -1.12
C GLU A 38 -2.20 -16.23 -0.87
N LYS A 39 -2.98 -16.25 -1.93
CA LYS A 39 -4.41 -15.96 -1.84
C LYS A 39 -5.24 -17.21 -2.07
N PRO A 40 -6.29 -17.39 -1.26
CA PRO A 40 -7.19 -18.55 -1.37
C PRO A 40 -8.05 -18.50 -2.64
N SER A 41 -8.79 -19.57 -2.88
CA SER A 41 -9.64 -19.66 -4.06
C SER A 41 -8.82 -19.64 -5.34
N GLY A 42 -7.70 -20.36 -5.32
CA GLY A 42 -6.84 -20.41 -6.48
C GLY A 42 -7.62 -20.59 -7.77
N PRO A 43 -8.18 -21.80 -7.97
CA PRO A 43 -8.95 -22.12 -9.16
C PRO A 43 -10.29 -21.38 -9.21
N SER A 44 -10.26 -20.15 -9.72
CA SER A 44 -11.46 -19.33 -9.81
C SER A 44 -11.57 -18.67 -11.19
N SER A 45 -12.02 -19.44 -12.17
CA SER A 45 -12.17 -18.94 -13.54
C SER A 45 -12.83 -19.98 -14.43
N GLY A 46 -13.34 -19.53 -15.57
CA GLY A 46 -13.98 -20.43 -16.51
C GLY A 46 -13.18 -21.69 -16.76
ZN ZN B . -0.87 -4.31 1.97
N GLY A 1 -13.67 33.21 17.81
CA GLY A 1 -12.24 33.35 17.55
C GLY A 1 -11.52 32.01 17.49
N SER A 2 -12.02 31.11 16.64
CA SER A 2 -11.43 29.79 16.50
C SER A 2 -10.55 29.72 15.25
N SER A 3 -9.25 29.58 15.46
CA SER A 3 -8.29 29.51 14.36
C SER A 3 -7.14 28.57 14.69
N GLY A 4 -6.87 27.62 13.80
CA GLY A 4 -5.80 26.67 14.02
C GLY A 4 -5.14 26.24 12.72
N SER A 5 -3.79 26.27 12.71
CA SER A 5 -3.04 25.89 11.52
C SER A 5 -2.72 24.40 11.55
N SER A 6 -3.20 23.67 10.55
CA SER A 6 -2.96 22.24 10.46
C SER A 6 -2.99 21.77 9.01
N GLY A 7 -2.39 20.62 8.75
CA GLY A 7 -2.36 20.08 7.40
C GLY A 7 -1.50 18.84 7.29
N THR A 8 -2.10 17.75 6.83
CA THR A 8 -1.38 16.48 6.68
C THR A 8 -0.98 16.25 5.23
N GLY A 9 0.33 16.34 4.96
CA GLY A 9 0.83 16.14 3.62
C GLY A 9 2.06 15.25 3.59
N GLY A 10 2.96 15.53 2.66
CA GLY A 10 4.17 14.73 2.54
C GLY A 10 4.09 13.71 1.41
N LYS A 11 5.02 12.76 1.41
CA LYS A 11 5.05 11.73 0.38
C LYS A 11 4.95 10.35 1.02
N HIS A 12 3.71 9.90 1.25
CA HIS A 12 3.48 8.59 1.84
C HIS A 12 2.69 7.69 0.89
N PHE A 13 3.24 6.52 0.59
CA PHE A 13 2.58 5.59 -0.32
C PHE A 13 1.75 4.57 0.46
N GLU A 14 0.43 4.62 0.30
CA GLU A 14 -0.46 3.71 0.99
C GLU A 14 -0.74 2.48 0.14
N CYS A 15 -0.72 1.31 0.77
CA CYS A 15 -0.97 0.05 0.08
C CYS A 15 -2.41 -0.01 -0.45
N THR A 16 -2.56 -0.40 -1.71
CA THR A 16 -3.87 -0.49 -2.32
C THR A 16 -4.52 -1.85 -2.04
N GLU A 17 -4.11 -2.47 -0.94
CA GLU A 17 -4.65 -3.77 -0.56
C GLU A 17 -5.21 -3.74 0.86
N CYS A 18 -4.37 -3.36 1.81
CA CYS A 18 -4.77 -3.28 3.20
C CYS A 18 -4.93 -1.83 3.65
N GLY A 19 -4.03 -0.97 3.18
CA GLY A 19 -4.10 0.44 3.54
C GLY A 19 -2.93 0.88 4.39
N LYS A 20 -1.80 0.18 4.24
CA LYS A 20 -0.60 0.50 5.01
C LYS A 20 0.17 1.64 4.35
N ALA A 21 0.44 2.69 5.13
CA ALA A 21 1.18 3.84 4.63
C ALA A 21 2.68 3.68 4.84
N PHE A 22 3.44 3.72 3.75
CA PHE A 22 4.89 3.57 3.82
C PHE A 22 5.58 4.89 3.52
N THR A 23 6.90 4.93 3.75
CA THR A 23 7.69 6.13 3.50
C THR A 23 8.55 5.97 2.26
N ARG A 24 8.41 4.84 1.58
CA ARG A 24 9.18 4.57 0.38
C ARG A 24 8.39 3.73 -0.60
N LYS A 25 8.06 4.31 -1.76
CA LYS A 25 7.30 3.60 -2.78
C LYS A 25 7.89 2.22 -3.04
N SER A 26 9.21 2.13 -3.07
CA SER A 26 9.90 0.87 -3.31
C SER A 26 9.54 -0.15 -2.23
N THR A 27 9.67 0.26 -0.97
CA THR A 27 9.36 -0.61 0.16
C THR A 27 7.96 -1.21 0.02
N LEU A 28 6.98 -0.35 -0.19
CA LEU A 28 5.59 -0.79 -0.33
C LEU A 28 5.46 -1.79 -1.47
N SER A 29 5.97 -1.42 -2.63
CA SER A 29 5.91 -2.29 -3.81
C SER A 29 6.25 -3.72 -3.45
N MET A 30 7.19 -3.89 -2.51
CA MET A 30 7.61 -5.21 -2.07
C MET A 30 6.59 -5.81 -1.10
N HIS A 31 5.97 -4.95 -0.32
CA HIS A 31 4.97 -5.39 0.67
C HIS A 31 3.72 -5.89 -0.03
N GLN A 32 3.27 -5.15 -1.04
CA GLN A 32 2.07 -5.52 -1.79
C GLN A 32 2.16 -6.97 -2.27
N LYS A 33 3.38 -7.44 -2.48
CA LYS A 33 3.59 -8.81 -2.94
C LYS A 33 2.97 -9.81 -1.97
N ILE A 34 2.58 -9.33 -0.79
CA ILE A 34 1.98 -10.18 0.22
C ILE A 34 0.51 -10.43 -0.08
N HIS A 35 -0.10 -9.53 -0.84
CA HIS A 35 -1.51 -9.66 -1.20
C HIS A 35 -1.67 -10.47 -2.48
N THR A 36 -0.73 -10.29 -3.41
CA THR A 36 -0.76 -11.01 -4.68
C THR A 36 -0.11 -12.38 -4.56
N GLY A 37 0.88 -12.48 -3.67
CA GLY A 37 1.56 -13.74 -3.47
C GLY A 37 3.06 -13.62 -3.68
N GLU A 38 3.77 -14.73 -3.50
CA GLU A 38 5.22 -14.74 -3.67
C GLU A 38 5.67 -16.04 -4.33
N LYS A 39 6.58 -15.91 -5.30
CA LYS A 39 7.11 -17.06 -6.02
C LYS A 39 7.57 -18.15 -5.04
N PRO A 40 7.58 -19.41 -5.51
CA PRO A 40 7.99 -20.54 -4.70
C PRO A 40 9.49 -20.54 -4.42
N SER A 41 9.84 -20.32 -3.15
CA SER A 41 11.24 -20.28 -2.75
C SER A 41 11.41 -20.82 -1.32
N GLY A 42 12.38 -21.71 -1.15
CA GLY A 42 12.63 -22.28 0.16
C GLY A 42 13.50 -21.40 1.03
N PRO A 43 14.80 -21.37 0.72
CA PRO A 43 15.77 -20.56 1.47
C PRO A 43 15.57 -19.06 1.24
N SER A 44 15.40 -18.32 2.32
CA SER A 44 15.20 -16.87 2.25
C SER A 44 16.54 -16.14 2.24
N SER A 45 16.58 -14.99 1.57
CA SER A 45 17.79 -14.20 1.48
C SER A 45 17.88 -13.22 2.64
N GLY A 46 18.60 -13.62 3.70
CA GLY A 46 18.74 -12.76 4.86
C GLY A 46 17.46 -12.04 5.22
ZN ZN B . -0.91 -4.23 2.06
N GLY A 1 -25.46 17.25 1.27
CA GLY A 1 -24.21 16.83 0.67
C GLY A 1 -23.21 16.31 1.70
N SER A 2 -22.38 15.36 1.30
CA SER A 2 -21.39 14.77 2.20
C SER A 2 -20.04 14.65 1.51
N SER A 3 -19.11 15.53 1.89
CA SER A 3 -17.77 15.52 1.32
C SER A 3 -16.76 14.86 2.26
N GLY A 4 -15.65 14.40 1.70
CA GLY A 4 -14.64 13.75 2.50
C GLY A 4 -13.24 13.93 1.94
N SER A 5 -12.39 14.65 2.66
CA SER A 5 -11.03 14.90 2.21
C SER A 5 -10.05 13.97 2.92
N SER A 6 -9.17 13.35 2.14
CA SER A 6 -8.18 12.42 2.69
C SER A 6 -6.85 12.55 1.94
N GLY A 7 -5.79 12.02 2.54
CA GLY A 7 -4.48 12.08 1.93
C GLY A 7 -3.60 13.14 2.54
N THR A 8 -3.60 13.21 3.87
CA THR A 8 -2.78 14.19 4.58
C THR A 8 -1.32 13.80 4.58
N GLY A 9 -0.46 14.76 4.90
CA GLY A 9 0.98 14.50 4.91
C GLY A 9 1.68 14.96 3.65
N GLY A 10 2.44 14.06 3.04
CA GLY A 10 3.14 14.39 1.82
C GLY A 10 2.83 13.45 0.69
N LYS A 11 3.86 12.78 0.17
CA LYS A 11 3.70 11.83 -0.93
C LYS A 11 3.80 10.39 -0.42
N HIS A 12 3.19 10.12 0.72
CA HIS A 12 3.20 8.79 1.30
C HIS A 12 2.43 7.80 0.43
N PHE A 13 2.98 6.60 0.28
CA PHE A 13 2.35 5.56 -0.53
C PHE A 13 1.65 4.53 0.35
N GLU A 14 0.33 4.44 0.20
CA GLU A 14 -0.45 3.49 0.98
C GLU A 14 -0.80 2.26 0.15
N CYS A 15 -0.91 1.12 0.82
CA CYS A 15 -1.22 -0.13 0.14
C CYS A 15 -2.71 -0.22 -0.16
N THR A 16 -3.03 -0.34 -1.45
CA THR A 16 -4.42 -0.43 -1.88
C THR A 16 -5.07 -1.73 -1.42
N GLU A 17 -4.24 -2.66 -0.95
CA GLU A 17 -4.73 -3.94 -0.47
C GLU A 17 -5.25 -3.83 0.95
N CYS A 18 -4.35 -3.52 1.89
CA CYS A 18 -4.72 -3.38 3.30
C CYS A 18 -4.85 -1.91 3.68
N GLY A 19 -3.88 -1.11 3.26
CA GLY A 19 -3.91 0.31 3.57
C GLY A 19 -2.68 0.75 4.33
N LYS A 20 -1.64 -0.07 4.31
CA LYS A 20 -0.40 0.25 5.01
C LYS A 20 0.33 1.39 4.32
N ALA A 21 0.67 2.43 5.09
CA ALA A 21 1.38 3.58 4.55
C ALA A 21 2.89 3.41 4.68
N PHE A 22 3.60 3.68 3.59
CA PHE A 22 5.06 3.55 3.58
C PHE A 22 5.71 4.84 3.12
N THR A 23 6.81 5.21 3.78
CA THR A 23 7.54 6.43 3.44
C THR A 23 8.38 6.24 2.17
N ARG A 24 8.44 5.00 1.71
CA ARG A 24 9.21 4.68 0.51
C ARG A 24 8.36 3.93 -0.51
N LYS A 25 8.60 4.20 -1.79
CA LYS A 25 7.86 3.55 -2.86
C LYS A 25 8.38 2.14 -3.13
N SER A 26 9.65 1.91 -2.76
CA SER A 26 10.28 0.61 -2.96
C SER A 26 9.82 -0.37 -1.90
N THR A 27 9.88 0.05 -0.64
CA THR A 27 9.47 -0.79 0.48
C THR A 27 8.03 -1.28 0.30
N LEU A 28 7.15 -0.38 -0.08
CA LEU A 28 5.75 -0.72 -0.28
C LEU A 28 5.59 -1.71 -1.43
N SER A 29 6.16 -1.38 -2.59
CA SER A 29 6.08 -2.23 -3.75
C SER A 29 6.36 -3.69 -3.39
N MET A 30 7.25 -3.88 -2.41
CA MET A 30 7.61 -5.22 -1.96
C MET A 30 6.55 -5.78 -1.01
N HIS A 31 5.90 -4.89 -0.27
CA HIS A 31 4.87 -5.29 0.69
C HIS A 31 3.60 -5.72 -0.05
N GLN A 32 3.24 -4.97 -1.08
CA GLN A 32 2.04 -5.27 -1.86
C GLN A 32 2.09 -6.68 -2.41
N LYS A 33 3.28 -7.28 -2.38
CA LYS A 33 3.46 -8.65 -2.87
C LYS A 33 2.81 -9.65 -1.93
N ILE A 34 2.46 -9.20 -0.74
CA ILE A 34 1.84 -10.06 0.26
C ILE A 34 0.36 -10.28 -0.06
N HIS A 35 -0.16 -9.51 -1.00
CA HIS A 35 -1.56 -9.62 -1.40
C HIS A 35 -1.68 -10.25 -2.78
N THR A 36 -0.64 -10.06 -3.60
CA THR A 36 -0.64 -10.60 -4.95
C THR A 36 -0.63 -12.12 -4.94
N GLY A 37 0.04 -12.70 -3.95
CA GLY A 37 0.10 -14.14 -3.83
C GLY A 37 -1.23 -14.81 -4.14
N GLU A 38 -2.16 -14.71 -3.20
CA GLU A 38 -3.49 -15.30 -3.37
C GLU A 38 -4.53 -14.24 -3.70
N LYS A 39 -5.61 -14.66 -4.35
CA LYS A 39 -6.68 -13.74 -4.72
C LYS A 39 -7.99 -14.50 -4.94
N PRO A 40 -9.11 -13.86 -4.55
CA PRO A 40 -10.44 -14.46 -4.68
C PRO A 40 -10.89 -14.55 -6.14
N SER A 41 -11.50 -15.67 -6.50
CA SER A 41 -11.97 -15.88 -7.86
C SER A 41 -12.74 -14.67 -8.37
N GLY A 42 -13.07 -14.68 -9.65
CA GLY A 42 -13.80 -13.58 -10.24
C GLY A 42 -13.28 -13.20 -11.62
N PRO A 43 -13.84 -13.83 -12.66
CA PRO A 43 -13.44 -13.58 -14.05
C PRO A 43 -13.86 -12.19 -14.53
N SER A 44 -14.58 -11.47 -13.68
CA SER A 44 -15.05 -10.14 -14.02
C SER A 44 -13.89 -9.16 -14.10
N SER A 45 -13.75 -8.50 -15.26
CA SER A 45 -12.67 -7.55 -15.47
C SER A 45 -13.22 -6.12 -15.48
N GLY A 46 -12.68 -5.28 -14.60
CA GLY A 46 -13.12 -3.90 -14.52
C GLY A 46 -13.55 -3.51 -13.13
ZN ZN B . -0.94 -4.40 2.07
N GLY A 1 -21.82 21.89 -1.61
CA GLY A 1 -21.71 21.35 -2.94
C GLY A 1 -20.44 20.55 -3.14
N SER A 2 -19.30 21.25 -3.10
CA SER A 2 -18.01 20.60 -3.30
C SER A 2 -17.34 20.34 -1.95
N SER A 3 -17.37 19.08 -1.52
CA SER A 3 -16.76 18.69 -0.25
C SER A 3 -15.28 18.37 -0.42
N GLY A 4 -14.47 18.82 0.53
CA GLY A 4 -13.04 18.58 0.46
C GLY A 4 -12.42 18.38 1.83
N SER A 5 -11.70 17.28 1.99
CA SER A 5 -11.05 16.97 3.27
C SER A 5 -9.70 16.30 3.05
N SER A 6 -8.84 16.38 4.05
CA SER A 6 -7.50 15.80 3.96
C SER A 6 -7.58 14.36 3.47
N GLY A 7 -6.42 13.74 3.28
CA GLY A 7 -6.38 12.37 2.81
C GLY A 7 -4.98 11.77 2.89
N THR A 8 -4.00 12.48 2.33
CA THR A 8 -2.62 12.01 2.35
C THR A 8 -1.66 13.14 2.71
N GLY A 9 -0.58 12.78 3.41
CA GLY A 9 0.39 13.78 3.80
C GLY A 9 1.69 13.67 3.01
N GLY A 10 1.96 14.67 2.17
CA GLY A 10 3.17 14.65 1.37
C GLY A 10 3.08 13.69 0.21
N LYS A 11 4.05 12.79 0.11
CA LYS A 11 4.09 11.81 -0.97
C LYS A 11 4.17 10.39 -0.41
N HIS A 12 3.37 10.12 0.61
CA HIS A 12 3.34 8.80 1.23
C HIS A 12 2.56 7.81 0.38
N PHE A 13 3.10 6.60 0.24
CA PHE A 13 2.46 5.56 -0.56
C PHE A 13 1.71 4.57 0.33
N GLU A 14 0.42 4.41 0.08
CA GLU A 14 -0.40 3.50 0.87
C GLU A 14 -0.74 2.24 0.07
N CYS A 15 -0.85 1.11 0.76
CA CYS A 15 -1.17 -0.15 0.11
C CYS A 15 -2.67 -0.24 -0.21
N THR A 16 -2.98 -0.34 -1.49
CA THR A 16 -4.38 -0.42 -1.92
C THR A 16 -5.02 -1.72 -1.44
N GLU A 17 -4.19 -2.67 -1.01
CA GLU A 17 -4.68 -3.95 -0.52
C GLU A 17 -5.20 -3.82 0.91
N CYS A 18 -4.30 -3.53 1.84
CA CYS A 18 -4.67 -3.38 3.24
C CYS A 18 -4.85 -1.90 3.60
N GLY A 19 -3.90 -1.08 3.19
CA GLY A 19 -3.97 0.34 3.47
C GLY A 19 -2.81 0.82 4.32
N LYS A 20 -1.69 0.11 4.25
CA LYS A 20 -0.50 0.47 5.01
C LYS A 20 0.28 1.58 4.31
N ALA A 21 0.64 2.61 5.07
CA ALA A 21 1.38 3.73 4.53
C ALA A 21 2.88 3.54 4.74
N PHE A 22 3.64 3.57 3.64
CA PHE A 22 5.08 3.39 3.70
C PHE A 22 5.80 4.68 3.33
N THR A 23 6.89 4.97 4.02
CA THR A 23 7.67 6.17 3.77
C THR A 23 8.53 6.02 2.52
N ARG A 24 8.42 4.85 1.88
CA ARG A 24 9.19 4.57 0.67
C ARG A 24 8.34 3.84 -0.36
N LYS A 25 8.42 4.27 -1.61
CA LYS A 25 7.66 3.65 -2.69
C LYS A 25 8.15 2.23 -2.95
N SER A 26 9.47 2.05 -2.94
CA SER A 26 10.07 0.74 -3.18
C SER A 26 9.67 -0.24 -2.08
N THR A 27 9.79 0.19 -0.83
CA THR A 27 9.46 -0.65 0.31
C THR A 27 8.03 -1.19 0.19
N LEU A 28 7.09 -0.32 -0.16
CA LEU A 28 5.70 -0.71 -0.32
C LEU A 28 5.54 -1.71 -1.47
N SER A 29 6.01 -1.32 -2.64
CA SER A 29 5.92 -2.18 -3.82
C SER A 29 6.24 -3.64 -3.46
N MET A 30 7.15 -3.81 -2.51
CA MET A 30 7.55 -5.15 -2.08
C MET A 30 6.53 -5.73 -1.11
N HIS A 31 5.91 -4.86 -0.32
CA HIS A 31 4.89 -5.30 0.65
C HIS A 31 3.62 -5.74 -0.07
N GLN A 32 3.24 -4.99 -1.09
CA GLN A 32 2.03 -5.30 -1.86
C GLN A 32 2.07 -6.72 -2.39
N LYS A 33 3.26 -7.32 -2.37
CA LYS A 33 3.44 -8.69 -2.85
C LYS A 33 2.78 -9.69 -1.89
N ILE A 34 2.55 -9.25 -0.66
CA ILE A 34 1.93 -10.11 0.35
C ILE A 34 0.45 -10.33 0.05
N HIS A 35 -0.06 -9.59 -0.93
CA HIS A 35 -1.46 -9.70 -1.32
C HIS A 35 -1.61 -10.38 -2.67
N THR A 36 -0.62 -10.18 -3.54
CA THR A 36 -0.63 -10.77 -4.86
C THR A 36 -0.62 -12.29 -4.79
N GLY A 37 0.17 -12.83 -3.86
CA GLY A 37 0.26 -14.27 -3.71
C GLY A 37 1.68 -14.76 -3.50
N GLU A 38 1.96 -15.29 -2.33
CA GLU A 38 3.29 -15.79 -2.02
C GLU A 38 3.71 -16.89 -2.99
N LYS A 39 4.65 -16.56 -3.87
CA LYS A 39 5.14 -17.52 -4.86
C LYS A 39 6.56 -17.17 -5.30
N PRO A 40 7.33 -18.20 -5.71
CA PRO A 40 8.71 -18.02 -6.16
C PRO A 40 8.80 -17.29 -7.49
N SER A 41 7.64 -16.98 -8.07
CA SER A 41 7.58 -16.29 -9.36
C SER A 41 7.80 -14.79 -9.17
N GLY A 42 8.06 -14.09 -10.27
CA GLY A 42 8.29 -12.67 -10.21
C GLY A 42 7.00 -11.88 -10.02
N PRO A 43 7.13 -10.58 -9.71
CA PRO A 43 5.99 -9.70 -9.49
C PRO A 43 5.23 -9.41 -10.79
N SER A 44 5.96 -9.29 -11.88
CA SER A 44 5.36 -9.02 -13.19
C SER A 44 5.23 -10.29 -14.01
N SER A 45 4.09 -10.97 -13.86
CA SER A 45 3.84 -12.21 -14.60
C SER A 45 2.35 -12.47 -14.73
N GLY A 46 1.98 -13.26 -15.74
CA GLY A 46 0.57 -13.57 -15.96
C GLY A 46 -0.16 -12.46 -16.68
ZN ZN B . -0.89 -4.41 2.03
N GLY A 1 -18.65 15.71 -3.82
CA GLY A 1 -17.89 14.80 -2.99
C GLY A 1 -16.40 14.95 -3.20
N SER A 2 -15.67 15.15 -2.09
CA SER A 2 -14.23 15.31 -2.16
C SER A 2 -13.62 15.28 -0.76
N SER A 3 -12.57 14.47 -0.60
CA SER A 3 -11.89 14.34 0.69
C SER A 3 -10.41 14.63 0.55
N GLY A 4 -9.80 15.15 1.63
CA GLY A 4 -8.39 15.46 1.61
C GLY A 4 -7.73 15.22 2.95
N SER A 5 -7.29 13.99 3.18
CA SER A 5 -6.64 13.63 4.44
C SER A 5 -5.46 14.56 4.72
N SER A 6 -5.27 14.87 5.99
CA SER A 6 -4.17 15.75 6.40
C SER A 6 -3.61 15.34 7.76
N GLY A 7 -2.32 15.55 7.95
CA GLY A 7 -1.69 15.19 9.20
C GLY A 7 -0.20 14.93 9.06
N THR A 8 0.15 14.13 8.05
CA THR A 8 1.55 13.80 7.81
C THR A 8 1.75 13.33 6.37
N GLY A 9 2.59 14.06 5.63
CA GLY A 9 2.86 13.70 4.25
C GLY A 9 4.12 12.89 4.09
N GLY A 10 5.07 13.41 3.31
CA GLY A 10 6.33 12.72 3.10
C GLY A 10 6.23 11.69 1.99
N LYS A 11 5.56 12.05 0.90
CA LYS A 11 5.39 11.15 -0.22
C LYS A 11 5.15 9.72 0.25
N HIS A 12 4.26 9.56 1.23
CA HIS A 12 3.93 8.25 1.77
C HIS A 12 2.95 7.52 0.86
N PHE A 13 3.30 6.29 0.49
CA PHE A 13 2.45 5.48 -0.38
C PHE A 13 1.63 4.48 0.43
N GLU A 14 0.32 4.49 0.22
CA GLU A 14 -0.57 3.57 0.94
C GLU A 14 -0.88 2.35 0.10
N CYS A 15 -0.99 1.19 0.76
CA CYS A 15 -1.28 -0.06 0.07
C CYS A 15 -2.76 -0.15 -0.29
N THR A 16 -3.05 -0.35 -1.57
CA THR A 16 -4.42 -0.45 -2.04
C THR A 16 -5.05 -1.77 -1.60
N GLU A 17 -4.25 -2.65 -1.02
CA GLU A 17 -4.73 -3.94 -0.54
C GLU A 17 -5.27 -3.82 0.88
N CYS A 18 -4.39 -3.48 1.82
CA CYS A 18 -4.78 -3.35 3.22
C CYS A 18 -4.93 -1.87 3.60
N GLY A 19 -3.98 -1.05 3.17
CA GLY A 19 -4.02 0.36 3.48
C GLY A 19 -2.80 0.83 4.25
N LYS A 20 -1.78 0.00 4.29
CA LYS A 20 -0.56 0.32 5.01
C LYS A 20 0.19 1.46 4.32
N ALA A 21 0.61 2.45 5.11
CA ALA A 21 1.34 3.59 4.57
C ALA A 21 2.84 3.41 4.69
N PHE A 22 3.56 3.70 3.62
CA PHE A 22 5.01 3.55 3.59
C PHE A 22 5.68 4.84 3.13
N THR A 23 6.77 5.21 3.79
CA THR A 23 7.51 6.42 3.44
C THR A 23 8.42 6.18 2.25
N ARG A 24 8.28 5.03 1.61
CA ARG A 24 9.09 4.69 0.45
C ARG A 24 8.27 3.93 -0.59
N LYS A 25 8.43 4.32 -1.85
CA LYS A 25 7.70 3.69 -2.95
C LYS A 25 8.18 2.25 -3.17
N SER A 26 9.49 2.06 -3.05
CA SER A 26 10.08 0.73 -3.24
C SER A 26 9.68 -0.21 -2.11
N THR A 27 9.76 0.30 -0.87
CA THR A 27 9.41 -0.50 0.29
C THR A 27 8.01 -1.10 0.16
N LEU A 28 7.04 -0.25 -0.20
CA LEU A 28 5.67 -0.70 -0.36
C LEU A 28 5.55 -1.73 -1.49
N SER A 29 6.08 -1.37 -2.66
CA SER A 29 6.05 -2.27 -3.81
C SER A 29 6.35 -3.70 -3.40
N MET A 30 7.21 -3.86 -2.40
CA MET A 30 7.59 -5.18 -1.91
C MET A 30 6.52 -5.73 -0.97
N HIS A 31 5.88 -4.83 -0.23
CA HIS A 31 4.84 -5.22 0.72
C HIS A 31 3.59 -5.69 -0.02
N GLN A 32 3.23 -4.97 -1.08
CA GLN A 32 2.05 -5.31 -1.86
C GLN A 32 2.11 -6.75 -2.35
N LYS A 33 3.31 -7.34 -2.31
CA LYS A 33 3.50 -8.71 -2.75
C LYS A 33 2.82 -9.69 -1.79
N ILE A 34 2.53 -9.21 -0.58
CA ILE A 34 1.88 -10.03 0.43
C ILE A 34 0.42 -10.29 0.07
N HIS A 35 -0.08 -9.56 -0.91
CA HIS A 35 -1.46 -9.72 -1.36
C HIS A 35 -1.53 -10.39 -2.72
N THR A 36 -0.50 -10.18 -3.53
CA THR A 36 -0.44 -10.75 -4.87
C THR A 36 -0.50 -12.28 -4.81
N GLY A 37 0.22 -12.85 -3.84
CA GLY A 37 0.23 -14.30 -3.69
C GLY A 37 1.51 -14.93 -4.22
N GLU A 38 2.18 -15.70 -3.38
CA GLU A 38 3.42 -16.36 -3.77
C GLU A 38 3.16 -17.80 -4.18
N LYS A 39 2.35 -18.50 -3.40
CA LYS A 39 2.02 -19.89 -3.68
C LYS A 39 3.26 -20.77 -3.56
N PRO A 40 3.97 -20.65 -2.44
CA PRO A 40 5.18 -21.43 -2.18
C PRO A 40 4.88 -22.91 -1.94
N SER A 41 5.41 -23.77 -2.80
CA SER A 41 5.19 -25.20 -2.69
C SER A 41 3.70 -25.52 -2.55
N GLY A 42 2.91 -25.00 -3.48
CA GLY A 42 1.48 -25.24 -3.45
C GLY A 42 1.02 -26.18 -4.55
N PRO A 43 -0.30 -26.40 -4.64
CA PRO A 43 -0.89 -27.28 -5.65
C PRO A 43 -0.79 -26.70 -7.06
N SER A 44 -0.16 -25.53 -7.17
CA SER A 44 0.01 -24.88 -8.46
C SER A 44 1.36 -25.20 -9.06
N SER A 45 1.35 -25.91 -10.19
CA SER A 45 2.59 -26.29 -10.86
C SER A 45 3.64 -25.19 -10.73
N GLY A 46 4.90 -25.60 -10.60
CA GLY A 46 5.99 -24.66 -10.46
C GLY A 46 6.08 -23.70 -11.64
ZN ZN B . -0.99 -4.34 2.00
N GLY A 1 -10.91 7.65 23.13
CA GLY A 1 -9.47 7.85 23.03
C GLY A 1 -8.98 7.83 21.60
N SER A 2 -7.87 8.52 21.34
CA SER A 2 -7.30 8.58 20.00
C SER A 2 -5.78 8.71 20.07
N SER A 3 -5.10 8.15 19.07
CA SER A 3 -3.64 8.20 19.02
C SER A 3 -3.17 9.27 18.04
N GLY A 4 -4.02 9.59 17.07
CA GLY A 4 -3.67 10.60 16.08
C GLY A 4 -4.53 10.52 14.84
N SER A 5 -5.75 11.05 14.93
CA SER A 5 -6.67 11.03 13.80
C SER A 5 -6.49 12.26 12.92
N SER A 6 -6.72 12.10 11.63
CA SER A 6 -6.58 13.20 10.69
C SER A 6 -5.14 13.70 10.64
N GLY A 7 -4.20 12.77 10.61
CA GLY A 7 -2.79 13.12 10.58
C GLY A 7 -2.09 12.60 9.34
N THR A 8 -1.60 13.51 8.50
CA THR A 8 -0.92 13.14 7.27
C THR A 8 0.44 13.81 7.18
N GLY A 9 1.44 13.07 6.70
CA GLY A 9 2.78 13.61 6.57
C GLY A 9 3.01 14.27 5.23
N GLY A 10 3.71 13.58 4.34
CA GLY A 10 3.99 14.12 3.02
C GLY A 10 3.90 13.08 1.93
N LYS A 11 4.96 12.95 1.14
CA LYS A 11 5.00 11.98 0.06
C LYS A 11 5.02 10.56 0.60
N HIS A 12 3.85 10.07 0.99
CA HIS A 12 3.73 8.72 1.54
C HIS A 12 2.93 7.82 0.60
N PHE A 13 3.35 6.57 0.46
CA PHE A 13 2.67 5.62 -0.41
C PHE A 13 1.89 4.60 0.41
N GLU A 14 0.57 4.59 0.23
CA GLU A 14 -0.29 3.66 0.96
C GLU A 14 -0.63 2.44 0.10
N CYS A 15 -0.89 1.32 0.75
CA CYS A 15 -1.22 0.08 0.05
C CYS A 15 -2.71 0.06 -0.31
N THR A 16 -3.00 -0.28 -1.57
CA THR A 16 -4.38 -0.34 -2.04
C THR A 16 -5.02 -1.66 -1.65
N GLU A 17 -4.24 -2.55 -1.04
CA GLU A 17 -4.74 -3.86 -0.62
C GLU A 17 -5.26 -3.80 0.83
N CYS A 18 -4.38 -3.41 1.74
CA CYS A 18 -4.75 -3.32 3.15
C CYS A 18 -4.91 -1.86 3.58
N GLY A 19 -3.98 -1.01 3.14
CA GLY A 19 -4.04 0.40 3.48
C GLY A 19 -2.85 0.84 4.31
N LYS A 20 -1.77 0.07 4.24
CA LYS A 20 -0.56 0.39 4.99
C LYS A 20 0.19 1.55 4.34
N ALA A 21 0.59 2.51 5.16
CA ALA A 21 1.32 3.68 4.66
C ALA A 21 2.83 3.48 4.81
N PHE A 22 3.56 3.63 3.71
CA PHE A 22 5.00 3.47 3.72
C PHE A 22 5.71 4.78 3.37
N THR A 23 6.94 4.93 3.85
CA THR A 23 7.70 6.14 3.58
C THR A 23 8.60 5.96 2.36
N ARG A 24 8.35 4.91 1.60
CA ARG A 24 9.13 4.62 0.40
C ARG A 24 8.33 3.79 -0.60
N LYS A 25 8.09 4.36 -1.77
CA LYS A 25 7.32 3.68 -2.81
C LYS A 25 7.86 2.26 -3.02
N SER A 26 9.17 2.11 -2.96
CA SER A 26 9.80 0.80 -3.14
C SER A 26 9.41 -0.16 -2.03
N THR A 27 9.61 0.27 -0.78
CA THR A 27 9.28 -0.55 0.37
C THR A 27 7.87 -1.12 0.25
N LEU A 28 6.93 -0.29 -0.18
CA LEU A 28 5.55 -0.71 -0.35
C LEU A 28 5.42 -1.75 -1.46
N SER A 29 5.93 -1.42 -2.64
CA SER A 29 5.88 -2.32 -3.77
C SER A 29 6.26 -3.74 -3.37
N MET A 30 7.21 -3.85 -2.45
CA MET A 30 7.65 -5.15 -1.98
C MET A 30 6.65 -5.76 -1.00
N HIS A 31 5.93 -4.89 -0.30
CA HIS A 31 4.94 -5.33 0.68
C HIS A 31 3.69 -5.85 -0.03
N GLN A 32 3.22 -5.10 -1.03
CA GLN A 32 2.04 -5.49 -1.79
C GLN A 32 2.16 -6.91 -2.32
N LYS A 33 3.40 -7.38 -2.47
CA LYS A 33 3.66 -8.72 -2.96
C LYS A 33 3.07 -9.77 -2.01
N ILE A 34 2.67 -9.33 -0.82
CA ILE A 34 2.09 -10.22 0.16
C ILE A 34 0.60 -10.47 -0.11
N HIS A 35 0.01 -9.59 -0.91
CA HIS A 35 -1.41 -9.71 -1.26
C HIS A 35 -1.59 -10.54 -2.52
N THR A 36 -0.68 -10.35 -3.48
CA THR A 36 -0.73 -11.09 -4.74
C THR A 36 -0.19 -12.51 -4.58
N GLY A 37 0.80 -12.66 -3.72
CA GLY A 37 1.39 -13.96 -3.50
C GLY A 37 0.35 -15.04 -3.25
N GLU A 38 -0.18 -15.08 -2.03
CA GLU A 38 -1.19 -16.06 -1.66
C GLU A 38 -2.59 -15.58 -2.04
N LYS A 39 -3.43 -16.50 -2.48
CA LYS A 39 -4.79 -16.17 -2.87
C LYS A 39 -5.80 -17.12 -2.23
N PRO A 40 -6.03 -16.93 -0.91
CA PRO A 40 -6.96 -17.76 -0.15
C PRO A 40 -8.41 -17.51 -0.54
N SER A 41 -8.78 -16.24 -0.65
CA SER A 41 -10.14 -15.87 -1.01
C SER A 41 -10.16 -14.52 -1.71
N GLY A 42 -11.34 -14.12 -2.19
CA GLY A 42 -11.48 -12.85 -2.87
C GLY A 42 -12.08 -12.99 -4.26
N PRO A 43 -12.02 -11.92 -5.06
CA PRO A 43 -12.56 -11.91 -6.42
C PRO A 43 -11.75 -12.79 -7.37
N SER A 44 -12.19 -12.85 -8.62
CA SER A 44 -11.51 -13.66 -9.63
C SER A 44 -11.34 -15.10 -9.15
N SER A 45 -12.39 -15.64 -8.53
CA SER A 45 -12.35 -17.00 -8.02
C SER A 45 -11.88 -17.98 -9.10
N GLY A 46 -12.43 -17.82 -10.30
CA GLY A 46 -12.06 -18.70 -11.40
C GLY A 46 -11.13 -18.02 -12.39
ZN ZN B . -0.95 -4.24 1.86
N GLY A 1 -11.54 22.82 21.73
CA GLY A 1 -10.14 23.05 21.43
C GLY A 1 -9.32 21.77 21.45
N SER A 2 -9.66 20.83 20.58
CA SER A 2 -8.96 19.55 20.51
C SER A 2 -8.56 19.23 19.07
N SER A 3 -8.07 20.24 18.36
CA SER A 3 -7.65 20.07 16.97
C SER A 3 -6.18 20.41 16.80
N GLY A 4 -5.53 19.76 15.84
CA GLY A 4 -4.13 20.01 15.59
C GLY A 4 -3.43 18.83 14.93
N SER A 5 -3.79 18.55 13.69
CA SER A 5 -3.21 17.44 12.95
C SER A 5 -2.41 17.94 11.76
N SER A 6 -1.17 17.46 11.65
CA SER A 6 -0.29 17.87 10.55
C SER A 6 0.49 16.68 10.01
N GLY A 7 0.13 16.25 8.80
CA GLY A 7 0.81 15.12 8.19
C GLY A 7 2.30 15.34 8.04
N THR A 8 3.09 14.53 8.74
CA THR A 8 4.55 14.66 8.69
C THR A 8 5.08 14.18 7.35
N GLY A 9 4.55 13.07 6.86
CA GLY A 9 5.00 12.52 5.59
C GLY A 9 4.14 12.99 4.43
N GLY A 10 4.77 13.24 3.29
CA GLY A 10 4.05 13.69 2.12
C GLY A 10 4.08 12.68 0.98
N LYS A 11 5.27 12.13 0.72
CA LYS A 11 5.43 11.15 -0.35
C LYS A 11 5.21 9.74 0.17
N HIS A 12 4.17 9.57 1.00
CA HIS A 12 3.86 8.27 1.57
C HIS A 12 2.85 7.52 0.71
N PHE A 13 3.17 6.30 0.34
CA PHE A 13 2.29 5.48 -0.49
C PHE A 13 1.47 4.51 0.37
N GLU A 14 0.17 4.47 0.11
CA GLU A 14 -0.73 3.59 0.86
C GLU A 14 -1.05 2.34 0.06
N CYS A 15 -1.08 1.20 0.75
CA CYS A 15 -1.38 -0.08 0.10
C CYS A 15 -2.88 -0.22 -0.15
N THR A 16 -3.26 -0.23 -1.43
CA THR A 16 -4.66 -0.37 -1.81
C THR A 16 -5.24 -1.68 -1.31
N GLU A 17 -4.37 -2.61 -0.94
CA GLU A 17 -4.79 -3.91 -0.44
C GLU A 17 -5.27 -3.81 1.00
N CYS A 18 -4.35 -3.53 1.91
CA CYS A 18 -4.67 -3.41 3.32
C CYS A 18 -4.86 -1.94 3.72
N GLY A 19 -3.98 -1.09 3.23
CA GLY A 19 -4.07 0.32 3.54
C GLY A 19 -2.88 0.82 4.35
N LYS A 20 -1.77 0.10 4.28
CA LYS A 20 -0.57 0.47 5.01
C LYS A 20 0.16 1.62 4.32
N ALA A 21 0.51 2.63 5.11
CA ALA A 21 1.21 3.80 4.58
C ALA A 21 2.72 3.66 4.74
N PHE A 22 3.44 3.65 3.62
CA PHE A 22 4.89 3.52 3.64
C PHE A 22 5.56 4.82 3.24
N THR A 23 6.77 5.04 3.74
CA THR A 23 7.52 6.25 3.43
C THR A 23 8.47 6.02 2.26
N ARG A 24 8.35 4.87 1.62
CA ARG A 24 9.19 4.54 0.49
C ARG A 24 8.40 3.80 -0.58
N LYS A 25 8.49 4.28 -1.83
CA LYS A 25 7.78 3.66 -2.94
C LYS A 25 8.26 2.24 -3.17
N SER A 26 9.57 2.03 -3.07
CA SER A 26 10.15 0.71 -3.27
C SER A 26 9.77 -0.22 -2.13
N THR A 27 9.81 0.29 -0.91
CA THR A 27 9.48 -0.49 0.27
C THR A 27 8.08 -1.10 0.15
N LEU A 28 7.10 -0.27 -0.19
CA LEU A 28 5.74 -0.72 -0.35
C LEU A 28 5.62 -1.79 -1.43
N SER A 29 6.18 -1.49 -2.60
CA SER A 29 6.15 -2.42 -3.72
C SER A 29 6.45 -3.85 -3.25
N MET A 30 7.37 -3.96 -2.31
CA MET A 30 7.76 -5.26 -1.78
C MET A 30 6.68 -5.82 -0.86
N HIS A 31 5.97 -4.92 -0.16
CA HIS A 31 4.92 -5.32 0.75
C HIS A 31 3.68 -5.76 -0.02
N GLN A 32 3.35 -5.02 -1.08
CA GLN A 32 2.19 -5.33 -1.90
C GLN A 32 2.25 -6.76 -2.42
N LYS A 33 3.45 -7.35 -2.38
CA LYS A 33 3.64 -8.72 -2.84
C LYS A 33 2.94 -9.71 -1.91
N ILE A 34 2.54 -9.23 -0.74
CA ILE A 34 1.87 -10.08 0.23
C ILE A 34 0.38 -10.21 -0.09
N HIS A 35 -0.09 -9.39 -1.03
CA HIS A 35 -1.49 -9.41 -1.43
C HIS A 35 -1.65 -10.05 -2.81
N THR A 36 -0.56 -10.06 -3.58
CA THR A 36 -0.58 -10.64 -4.91
C THR A 36 -0.21 -12.13 -4.88
N GLY A 37 -0.28 -12.71 -3.69
CA GLY A 37 0.04 -14.12 -3.54
C GLY A 37 -1.10 -14.93 -2.97
N GLU A 38 -2.23 -14.92 -3.67
CA GLU A 38 -3.41 -15.66 -3.23
C GLU A 38 -4.30 -16.01 -4.41
N LYS A 39 -5.10 -17.06 -4.24
CA LYS A 39 -6.02 -17.50 -5.29
C LYS A 39 -7.16 -16.50 -5.49
N PRO A 40 -7.65 -16.39 -6.72
CA PRO A 40 -8.74 -15.49 -7.07
C PRO A 40 -10.08 -15.93 -6.47
N SER A 41 -11.01 -14.98 -6.37
CA SER A 41 -12.32 -15.27 -5.82
C SER A 41 -13.37 -14.29 -6.35
N GLY A 42 -14.59 -14.78 -6.55
CA GLY A 42 -15.65 -13.93 -7.06
C GLY A 42 -16.93 -14.70 -7.31
N PRO A 43 -17.20 -15.00 -8.58
CA PRO A 43 -18.41 -15.74 -8.99
C PRO A 43 -18.36 -17.20 -8.55
N SER A 44 -19.49 -17.69 -8.03
CA SER A 44 -19.58 -19.07 -7.57
C SER A 44 -21.04 -19.51 -7.47
N SER A 45 -21.30 -20.76 -7.87
CA SER A 45 -22.65 -21.31 -7.83
C SER A 45 -22.82 -22.21 -6.62
N GLY A 46 -23.10 -21.61 -5.47
CA GLY A 46 -23.29 -22.38 -4.26
C GLY A 46 -22.10 -23.27 -3.93
ZN ZN B . -0.99 -4.27 2.11
N GLY A 1 -16.74 30.62 2.16
CA GLY A 1 -15.32 30.35 2.15
C GLY A 1 -15.01 28.88 2.37
N SER A 2 -13.81 28.46 1.99
CA SER A 2 -13.40 27.08 2.14
C SER A 2 -11.99 26.99 2.75
N SER A 3 -11.80 26.02 3.64
CA SER A 3 -10.51 25.82 4.29
C SER A 3 -10.31 24.36 4.67
N GLY A 4 -9.05 23.95 4.76
CA GLY A 4 -8.74 22.58 5.11
C GLY A 4 -7.25 22.35 5.29
N SER A 5 -6.90 21.46 6.21
CA SER A 5 -5.49 21.15 6.47
C SER A 5 -5.30 19.65 6.69
N SER A 6 -4.65 19.00 5.73
CA SER A 6 -4.40 17.56 5.81
C SER A 6 -3.05 17.21 5.21
N GLY A 7 -2.52 16.06 5.60
CA GLY A 7 -1.23 15.63 5.09
C GLY A 7 -0.24 15.34 6.20
N THR A 8 0.70 14.43 5.94
CA THR A 8 1.71 14.06 6.92
C THR A 8 3.12 14.31 6.38
N GLY A 9 3.29 15.41 5.65
CA GLY A 9 4.57 15.74 5.09
C GLY A 9 5.08 14.67 4.14
N GLY A 10 5.90 15.08 3.17
CA GLY A 10 6.44 14.14 2.21
C GLY A 10 5.36 13.36 1.50
N LYS A 11 5.75 12.60 0.47
CA LYS A 11 4.80 11.80 -0.30
C LYS A 11 4.79 10.36 0.19
N HIS A 12 3.75 10.00 0.94
CA HIS A 12 3.62 8.65 1.47
C HIS A 12 2.68 7.81 0.60
N PHE A 13 3.05 6.56 0.36
CA PHE A 13 2.25 5.66 -0.44
C PHE A 13 1.44 4.71 0.43
N GLU A 14 0.18 4.50 0.07
CA GLU A 14 -0.71 3.62 0.82
C GLU A 14 -1.01 2.36 0.03
N CYS A 15 -0.93 1.21 0.69
CA CYS A 15 -1.20 -0.07 0.05
C CYS A 15 -2.66 -0.16 -0.40
N THR A 16 -2.88 -0.53 -1.66
CA THR A 16 -4.22 -0.65 -2.19
C THR A 16 -4.83 -2.01 -1.86
N GLU A 17 -4.33 -2.63 -0.80
CA GLU A 17 -4.82 -3.92 -0.37
C GLU A 17 -5.29 -3.88 1.08
N CYS A 18 -4.40 -3.48 1.98
CA CYS A 18 -4.72 -3.39 3.40
C CYS A 18 -4.88 -1.94 3.83
N GLY A 19 -4.04 -1.06 3.28
CA GLY A 19 -4.10 0.34 3.62
C GLY A 19 -2.91 0.81 4.44
N LYS A 20 -1.80 0.09 4.32
CA LYS A 20 -0.59 0.42 5.05
C LYS A 20 0.16 1.56 4.37
N ALA A 21 0.66 2.49 5.17
CA ALA A 21 1.40 3.64 4.64
C ALA A 21 2.90 3.39 4.70
N PHE A 22 3.57 3.60 3.58
CA PHE A 22 5.02 3.40 3.50
C PHE A 22 5.72 4.68 3.07
N THR A 23 6.80 5.02 3.77
CA THR A 23 7.56 6.22 3.47
C THR A 23 8.50 6.00 2.28
N ARG A 24 8.44 4.79 1.72
CA ARG A 24 9.29 4.45 0.58
C ARG A 24 8.48 3.71 -0.49
N LYS A 25 8.34 4.33 -1.65
CA LYS A 25 7.60 3.73 -2.76
C LYS A 25 8.12 2.33 -3.08
N SER A 26 9.44 2.17 -3.00
CA SER A 26 10.07 0.89 -3.28
C SER A 26 9.72 -0.14 -2.21
N THR A 27 9.82 0.28 -0.95
CA THR A 27 9.52 -0.61 0.18
C THR A 27 8.12 -1.19 0.05
N LEU A 28 7.14 -0.31 -0.17
CA LEU A 28 5.75 -0.74 -0.31
C LEU A 28 5.60 -1.77 -1.42
N SER A 29 6.23 -1.50 -2.56
CA SER A 29 6.17 -2.40 -3.70
C SER A 29 6.43 -3.84 -3.27
N MET A 30 7.34 -4.00 -2.31
CA MET A 30 7.68 -5.33 -1.81
C MET A 30 6.59 -5.87 -0.89
N HIS A 31 5.92 -4.96 -0.18
CA HIS A 31 4.86 -5.34 0.73
C HIS A 31 3.61 -5.79 -0.03
N GLN A 32 3.29 -5.06 -1.09
CA GLN A 32 2.12 -5.39 -1.91
C GLN A 32 2.20 -6.83 -2.42
N LYS A 33 3.39 -7.41 -2.36
CA LYS A 33 3.60 -8.78 -2.81
C LYS A 33 2.91 -9.77 -1.87
N ILE A 34 2.51 -9.28 -0.70
CA ILE A 34 1.84 -10.12 0.27
C ILE A 34 0.36 -10.25 -0.03
N HIS A 35 -0.13 -9.40 -0.93
CA HIS A 35 -1.54 -9.42 -1.31
C HIS A 35 -1.72 -10.01 -2.70
N THR A 36 -0.67 -9.90 -3.52
CA THR A 36 -0.71 -10.42 -4.89
C THR A 36 -0.29 -11.88 -4.93
N GLY A 37 -0.26 -12.52 -3.76
CA GLY A 37 0.13 -13.92 -3.68
C GLY A 37 -0.69 -14.80 -4.61
N GLU A 38 -0.01 -15.67 -5.35
CA GLU A 38 -0.68 -16.56 -6.28
C GLU A 38 -0.96 -17.91 -5.63
N LYS A 39 0.09 -18.58 -5.18
CA LYS A 39 -0.05 -19.88 -4.54
C LYS A 39 0.22 -19.77 -3.04
N PRO A 40 -0.83 -19.38 -2.29
CA PRO A 40 -0.73 -19.23 -0.83
C PRO A 40 -0.60 -20.57 -0.11
N SER A 41 -0.88 -21.65 -0.84
CA SER A 41 -0.78 -22.99 -0.28
C SER A 41 0.55 -23.19 0.44
N GLY A 42 0.60 -24.19 1.33
CA GLY A 42 1.81 -24.46 2.06
C GLY A 42 1.56 -25.28 3.31
N PRO A 43 1.27 -24.59 4.42
CA PRO A 43 1.00 -25.23 5.71
C PRO A 43 -0.33 -25.99 5.72
N SER A 44 -0.70 -26.51 6.88
CA SER A 44 -1.95 -27.26 7.02
C SER A 44 -3.13 -26.31 7.19
N SER A 45 -3.63 -25.77 6.09
CA SER A 45 -4.76 -24.85 6.12
C SER A 45 -4.71 -23.99 7.38
N GLY A 46 -3.52 -23.51 7.72
CA GLY A 46 -3.36 -22.67 8.89
C GLY A 46 -4.01 -21.31 8.73
ZN ZN B . -0.98 -4.25 2.18
N GLY A 1 -13.38 30.51 14.52
CA GLY A 1 -12.95 29.28 13.87
C GLY A 1 -11.94 29.52 12.78
N SER A 2 -11.03 28.57 12.59
CA SER A 2 -9.99 28.70 11.57
C SER A 2 -9.62 27.32 11.01
N SER A 3 -9.82 27.15 9.71
CA SER A 3 -9.51 25.88 9.05
C SER A 3 -8.31 26.05 8.11
N GLY A 4 -7.14 25.66 8.59
CA GLY A 4 -5.94 25.76 7.78
C GLY A 4 -5.36 24.42 7.43
N SER A 5 -4.15 24.41 6.87
CA SER A 5 -3.49 23.17 6.48
C SER A 5 -2.06 23.12 7.02
N SER A 6 -1.54 21.91 7.18
CA SER A 6 -0.19 21.73 7.69
C SER A 6 0.70 21.05 6.66
N GLY A 7 0.26 19.90 6.17
CA GLY A 7 1.04 19.18 5.18
C GLY A 7 1.52 17.83 5.68
N THR A 8 1.61 16.85 4.79
CA THR A 8 2.06 15.51 5.15
C THR A 8 3.58 15.47 5.31
N GLY A 9 4.24 16.54 4.89
CA GLY A 9 5.69 16.60 4.98
C GLY A 9 6.37 15.45 4.28
N GLY A 10 6.22 15.40 2.95
CA GLY A 10 6.84 14.34 2.19
C GLY A 10 5.83 13.57 1.35
N LYS A 11 6.25 12.44 0.81
CA LYS A 11 5.37 11.61 -0.01
C LYS A 11 5.23 10.21 0.59
N HIS A 12 4.00 9.84 0.91
CA HIS A 12 3.73 8.52 1.49
C HIS A 12 2.82 7.71 0.57
N PHE A 13 3.19 6.45 0.34
CA PHE A 13 2.41 5.56 -0.51
C PHE A 13 1.65 4.53 0.32
N GLU A 14 0.33 4.51 0.15
CA GLU A 14 -0.52 3.57 0.89
C GLU A 14 -0.79 2.32 0.05
N CYS A 15 -0.89 1.19 0.73
CA CYS A 15 -1.15 -0.09 0.06
C CYS A 15 -2.60 -0.17 -0.41
N THR A 16 -2.79 -0.53 -1.68
CA THR A 16 -4.12 -0.65 -2.24
C THR A 16 -4.74 -2.00 -1.93
N GLU A 17 -4.32 -2.60 -0.83
CA GLU A 17 -4.83 -3.90 -0.41
C GLU A 17 -5.30 -3.86 1.04
N CYS A 18 -4.39 -3.52 1.95
CA CYS A 18 -4.70 -3.45 3.36
C CYS A 18 -4.86 -1.99 3.82
N GLY A 19 -4.05 -1.11 3.24
CA GLY A 19 -4.12 0.29 3.58
C GLY A 19 -2.92 0.74 4.41
N LYS A 20 -1.80 0.03 4.26
CA LYS A 20 -0.59 0.35 4.99
C LYS A 20 0.18 1.47 4.31
N ALA A 21 0.52 2.51 5.07
CA ALA A 21 1.26 3.64 4.53
C ALA A 21 2.76 3.44 4.69
N PHE A 22 3.49 3.64 3.59
CA PHE A 22 4.94 3.48 3.60
C PHE A 22 5.64 4.77 3.18
N THR A 23 6.78 5.04 3.81
CA THR A 23 7.54 6.25 3.51
C THR A 23 8.49 6.02 2.34
N ARG A 24 8.43 4.82 1.76
CA ARG A 24 9.29 4.47 0.63
C ARG A 24 8.52 3.67 -0.41
N LYS A 25 8.18 4.33 -1.51
CA LYS A 25 7.44 3.69 -2.59
C LYS A 25 8.07 2.34 -2.95
N SER A 26 9.40 2.31 -2.98
CA SER A 26 10.11 1.08 -3.31
C SER A 26 9.79 -0.03 -2.32
N THR A 27 9.80 0.31 -1.04
CA THR A 27 9.50 -0.65 0.02
C THR A 27 8.09 -1.21 -0.12
N LEU A 28 7.12 -0.32 -0.24
CA LEU A 28 5.72 -0.71 -0.39
C LEU A 28 5.57 -1.75 -1.50
N SER A 29 6.12 -1.45 -2.66
CA SER A 29 6.04 -2.35 -3.81
C SER A 29 6.40 -3.78 -3.39
N MET A 30 7.23 -3.90 -2.36
CA MET A 30 7.64 -5.21 -1.87
C MET A 30 6.61 -5.78 -0.91
N HIS A 31 5.94 -4.90 -0.16
CA HIS A 31 4.92 -5.32 0.79
C HIS A 31 3.65 -5.73 0.08
N GLN A 32 3.27 -4.97 -0.95
CA GLN A 32 2.06 -5.26 -1.71
C GLN A 32 2.08 -6.68 -2.25
N LYS A 33 3.27 -7.26 -2.32
CA LYS A 33 3.44 -8.62 -2.82
C LYS A 33 2.79 -9.63 -1.87
N ILE A 34 2.50 -9.18 -0.66
CA ILE A 34 1.88 -10.05 0.34
C ILE A 34 0.40 -10.27 0.03
N HIS A 35 -0.13 -9.47 -0.90
CA HIS A 35 -1.53 -9.58 -1.30
C HIS A 35 -1.66 -10.18 -2.69
N THR A 36 -0.62 -10.03 -3.50
CA THR A 36 -0.61 -10.55 -4.85
C THR A 36 -0.64 -12.09 -4.85
N GLY A 37 0.00 -12.67 -3.85
CA GLY A 37 0.05 -14.12 -3.76
C GLY A 37 -1.29 -14.72 -3.36
N GLU A 38 -1.76 -14.35 -2.17
CA GLU A 38 -3.03 -14.87 -1.67
C GLU A 38 -4.07 -14.94 -2.79
N LYS A 39 -3.89 -14.10 -3.81
CA LYS A 39 -4.80 -14.06 -4.94
C LYS A 39 -4.65 -15.30 -5.81
N PRO A 40 -5.79 -15.88 -6.23
CA PRO A 40 -5.80 -17.08 -7.06
C PRO A 40 -5.30 -16.82 -8.48
N SER A 41 -5.83 -15.76 -9.10
CA SER A 41 -5.44 -15.39 -10.45
C SER A 41 -4.02 -14.84 -10.48
N GLY A 42 -3.41 -14.84 -11.66
CA GLY A 42 -2.06 -14.34 -11.79
C GLY A 42 -1.89 -13.44 -13.01
N PRO A 43 -0.91 -12.53 -12.94
CA PRO A 43 -0.63 -11.58 -14.03
C PRO A 43 -0.06 -12.27 -15.26
N SER A 44 0.12 -11.51 -16.33
CA SER A 44 0.66 -12.04 -17.58
C SER A 44 2.19 -12.07 -17.54
N SER A 45 2.73 -12.60 -16.45
CA SER A 45 4.18 -12.68 -16.29
C SER A 45 4.58 -13.94 -15.53
N GLY A 46 5.78 -14.44 -15.80
CA GLY A 46 6.25 -15.64 -15.13
C GLY A 46 7.76 -15.65 -14.96
ZN ZN B . -0.79 -4.31 2.13
N GLY A 1 -18.89 16.21 13.53
CA GLY A 1 -17.75 15.89 14.36
C GLY A 1 -16.48 15.71 13.56
N SER A 2 -16.07 16.76 12.85
CA SER A 2 -14.86 16.71 12.04
C SER A 2 -13.87 17.79 12.48
N SER A 3 -12.59 17.55 12.19
CA SER A 3 -11.54 18.50 12.55
C SER A 3 -10.87 19.07 11.31
N GLY A 4 -10.51 20.35 11.38
CA GLY A 4 -9.86 21.00 10.25
C GLY A 4 -8.37 20.78 10.24
N SER A 5 -7.63 21.75 10.76
CA SER A 5 -6.16 21.66 10.80
C SER A 5 -5.59 21.55 9.39
N SER A 6 -6.13 22.35 8.48
CA SER A 6 -5.67 22.34 7.10
C SER A 6 -4.18 22.69 7.01
N GLY A 7 -3.43 21.89 6.26
CA GLY A 7 -2.01 22.14 6.11
C GLY A 7 -1.18 20.90 6.36
N THR A 8 -1.58 19.78 5.76
CA THR A 8 -0.87 18.53 5.92
C THR A 8 -1.17 17.57 4.78
N GLY A 9 -0.17 16.78 4.39
CA GLY A 9 -0.35 15.84 3.30
C GLY A 9 0.87 14.96 3.09
N GLY A 10 1.90 15.52 2.44
CA GLY A 10 3.11 14.77 2.19
C GLY A 10 2.94 13.78 1.06
N LYS A 11 4.03 13.09 0.71
CA LYS A 11 4.01 12.11 -0.36
C LYS A 11 4.19 10.70 0.19
N HIS A 12 3.11 10.13 0.71
CA HIS A 12 3.15 8.78 1.28
C HIS A 12 2.35 7.81 0.41
N PHE A 13 2.89 6.60 0.23
CA PHE A 13 2.23 5.58 -0.57
C PHE A 13 1.51 4.57 0.32
N GLU A 14 0.18 4.52 0.20
CA GLU A 14 -0.62 3.60 0.99
C GLU A 14 -0.99 2.37 0.16
N CYS A 15 -1.02 1.22 0.83
CA CYS A 15 -1.37 -0.04 0.16
C CYS A 15 -2.87 -0.11 -0.12
N THR A 16 -3.23 -0.12 -1.40
CA THR A 16 -4.63 -0.20 -1.79
C THR A 16 -5.24 -1.55 -1.44
N GLU A 17 -4.41 -2.45 -0.92
CA GLU A 17 -4.86 -3.78 -0.54
C GLU A 17 -5.33 -3.80 0.92
N CYS A 18 -4.42 -3.49 1.84
CA CYS A 18 -4.74 -3.47 3.25
C CYS A 18 -4.91 -2.04 3.76
N GLY A 19 -4.01 -1.16 3.35
CA GLY A 19 -4.08 0.23 3.77
C GLY A 19 -2.85 0.66 4.55
N LYS A 20 -1.76 -0.06 4.37
CA LYS A 20 -0.51 0.26 5.06
C LYS A 20 0.24 1.38 4.34
N ALA A 21 0.64 2.40 5.11
CA ALA A 21 1.36 3.53 4.56
C ALA A 21 2.87 3.32 4.65
N PHE A 22 3.56 3.56 3.53
CA PHE A 22 5.01 3.38 3.48
C PHE A 22 5.70 4.67 3.01
N THR A 23 6.80 5.01 3.67
CA THR A 23 7.55 6.22 3.32
C THR A 23 8.51 5.96 2.18
N ARG A 24 8.51 4.73 1.68
CA ARG A 24 9.40 4.35 0.58
C ARG A 24 8.62 3.65 -0.53
N LYS A 25 8.71 4.20 -1.73
CA LYS A 25 8.00 3.63 -2.88
C LYS A 25 8.45 2.20 -3.13
N SER A 26 9.74 1.94 -2.95
CA SER A 26 10.28 0.59 -3.16
C SER A 26 9.86 -0.35 -2.04
N THR A 27 9.89 0.16 -0.81
CA THR A 27 9.50 -0.64 0.35
C THR A 27 8.08 -1.17 0.21
N LEU A 28 7.16 -0.29 -0.20
CA LEU A 28 5.77 -0.68 -0.38
C LEU A 28 5.63 -1.71 -1.49
N SER A 29 6.28 -1.47 -2.61
CA SER A 29 6.23 -2.37 -3.75
C SER A 29 6.51 -3.81 -3.31
N MET A 30 7.38 -3.95 -2.32
CA MET A 30 7.74 -5.27 -1.80
C MET A 30 6.67 -5.80 -0.87
N HIS A 31 5.98 -4.89 -0.19
CA HIS A 31 4.92 -5.26 0.75
C HIS A 31 3.67 -5.70 0.00
N GLN A 32 3.33 -4.95 -1.06
CA GLN A 32 2.14 -5.26 -1.86
C GLN A 32 2.19 -6.70 -2.37
N LYS A 33 3.39 -7.28 -2.35
CA LYS A 33 3.57 -8.66 -2.81
C LYS A 33 2.89 -9.64 -1.86
N ILE A 34 2.50 -9.17 -0.70
CA ILE A 34 1.84 -10.00 0.29
C ILE A 34 0.37 -10.21 -0.05
N HIS A 35 -0.13 -9.41 -0.99
CA HIS A 35 -1.52 -9.51 -1.42
C HIS A 35 -1.62 -10.08 -2.83
N THR A 36 -0.52 -10.03 -3.57
CA THR A 36 -0.48 -10.55 -4.93
C THR A 36 -0.39 -12.07 -4.94
N GLY A 37 0.17 -12.62 -3.87
CA GLY A 37 0.31 -14.07 -3.78
C GLY A 37 -0.95 -14.74 -3.27
N GLU A 38 -2.03 -14.63 -4.04
CA GLU A 38 -3.30 -15.23 -3.66
C GLU A 38 -4.07 -15.70 -4.88
N LYS A 39 -4.90 -16.73 -4.70
CA LYS A 39 -5.69 -17.28 -5.80
C LYS A 39 -6.10 -16.18 -6.77
N PRO A 40 -5.32 -16.03 -7.86
CA PRO A 40 -5.58 -15.02 -8.89
C PRO A 40 -6.83 -15.33 -9.71
N SER A 41 -7.51 -14.28 -10.16
CA SER A 41 -8.73 -14.45 -10.94
C SER A 41 -8.40 -14.46 -12.44
N GLY A 42 -8.18 -15.65 -12.99
CA GLY A 42 -7.86 -15.77 -14.40
C GLY A 42 -7.99 -17.20 -14.90
N PRO A 43 -7.92 -17.36 -16.23
CA PRO A 43 -8.03 -18.69 -16.86
C PRO A 43 -6.81 -19.56 -16.58
N SER A 44 -5.64 -18.94 -16.51
CA SER A 44 -4.41 -19.66 -16.25
C SER A 44 -3.57 -18.95 -15.19
N SER A 45 -2.47 -19.58 -14.79
CA SER A 45 -1.58 -19.01 -13.78
C SER A 45 -0.36 -18.37 -14.43
N GLY A 46 -0.49 -17.11 -14.82
CA GLY A 46 0.61 -16.40 -15.45
C GLY A 46 1.07 -15.20 -14.63
ZN ZN B . -0.85 -4.32 1.99
N GLY A 1 -16.96 20.05 10.80
CA GLY A 1 -15.90 19.67 9.89
C GLY A 1 -14.53 20.14 10.35
N SER A 2 -13.70 20.54 9.39
CA SER A 2 -12.36 21.01 9.71
C SER A 2 -12.15 22.43 9.19
N SER A 3 -11.16 23.13 9.75
CA SER A 3 -10.86 24.49 9.35
C SER A 3 -9.76 24.52 8.29
N GLY A 4 -8.72 23.72 8.51
CA GLY A 4 -7.62 23.67 7.57
C GLY A 4 -7.33 22.25 7.11
N SER A 5 -8.01 21.83 6.05
CA SER A 5 -7.83 20.48 5.51
C SER A 5 -6.82 20.49 4.37
N SER A 6 -5.73 21.24 4.56
CA SER A 6 -4.68 21.34 3.54
C SER A 6 -3.31 21.26 4.18
N GLY A 7 -2.43 20.45 3.60
CA GLY A 7 -1.09 20.30 4.12
C GLY A 7 -0.13 19.71 3.10
N THR A 8 1.16 20.01 3.26
CA THR A 8 2.18 19.51 2.34
C THR A 8 3.34 18.90 3.10
N GLY A 9 3.55 17.59 2.92
CA GLY A 9 4.64 16.91 3.59
C GLY A 9 5.05 15.64 2.88
N GLY A 10 5.85 15.80 1.83
CA GLY A 10 6.30 14.64 1.07
C GLY A 10 5.16 13.81 0.53
N LYS A 11 5.50 12.73 -0.17
CA LYS A 11 4.48 11.85 -0.75
C LYS A 11 4.54 10.47 -0.10
N HIS A 12 3.40 10.05 0.45
CA HIS A 12 3.32 8.73 1.11
C HIS A 12 2.47 7.77 0.27
N PHE A 13 2.99 6.56 0.09
CA PHE A 13 2.29 5.54 -0.68
C PHE A 13 1.54 4.58 0.23
N GLU A 14 0.22 4.49 0.06
CA GLU A 14 -0.61 3.60 0.87
C GLU A 14 -0.98 2.35 0.09
N CYS A 15 -1.12 1.24 0.81
CA CYS A 15 -1.48 -0.02 0.19
C CYS A 15 -2.98 -0.12 -0.02
N THR A 16 -3.40 -0.12 -1.29
CA THR A 16 -4.81 -0.21 -1.62
C THR A 16 -5.41 -1.55 -1.18
N GLU A 17 -4.54 -2.46 -0.78
CA GLU A 17 -4.98 -3.79 -0.35
C GLU A 17 -5.39 -3.77 1.12
N CYS A 18 -4.45 -3.43 1.99
CA CYS A 18 -4.73 -3.36 3.42
C CYS A 18 -4.90 -1.92 3.89
N GLY A 19 -4.04 -1.04 3.39
CA GLY A 19 -4.11 0.36 3.76
C GLY A 19 -2.89 0.82 4.52
N LYS A 20 -1.78 0.12 4.33
CA LYS A 20 -0.53 0.47 5.01
C LYS A 20 0.20 1.58 4.27
N ALA A 21 0.56 2.63 5.00
CA ALA A 21 1.28 3.77 4.42
C ALA A 21 2.78 3.62 4.61
N PHE A 22 3.51 3.56 3.50
CA PHE A 22 4.96 3.42 3.55
C PHE A 22 5.64 4.71 3.09
N THR A 23 6.77 5.03 3.71
CA THR A 23 7.52 6.24 3.37
C THR A 23 8.48 5.97 2.21
N ARG A 24 8.54 4.72 1.77
CA ARG A 24 9.43 4.34 0.67
C ARG A 24 8.66 3.58 -0.41
N LYS A 25 8.60 4.17 -1.60
CA LYS A 25 7.90 3.55 -2.72
C LYS A 25 8.38 2.12 -2.95
N SER A 26 9.69 1.92 -2.79
CA SER A 26 10.28 0.60 -2.98
C SER A 26 9.82 -0.36 -1.89
N THR A 27 9.88 0.08 -0.64
CA THR A 27 9.47 -0.75 0.49
C THR A 27 8.05 -1.27 0.29
N LEU A 28 7.12 -0.37 -0.02
CA LEU A 28 5.73 -0.76 -0.24
C LEU A 28 5.61 -1.75 -1.38
N SER A 29 6.18 -1.40 -2.53
CA SER A 29 6.13 -2.26 -3.71
C SER A 29 6.51 -3.70 -3.34
N MET A 30 7.34 -3.84 -2.32
CA MET A 30 7.78 -5.16 -1.87
C MET A 30 6.74 -5.80 -0.96
N HIS A 31 6.01 -4.95 -0.22
CA HIS A 31 4.99 -5.44 0.70
C HIS A 31 3.74 -5.87 -0.07
N GLN A 32 3.32 -5.06 -1.02
CA GLN A 32 2.14 -5.36 -1.82
C GLN A 32 2.27 -6.74 -2.48
N LYS A 33 3.50 -7.23 -2.57
CA LYS A 33 3.76 -8.53 -3.18
C LYS A 33 3.16 -9.65 -2.33
N ILE A 34 2.76 -9.31 -1.10
CA ILE A 34 2.18 -10.29 -0.19
C ILE A 34 0.68 -10.42 -0.43
N HIS A 35 0.09 -9.42 -1.07
CA HIS A 35 -1.34 -9.42 -1.36
C HIS A 35 -1.63 -10.20 -2.64
N THR A 36 -0.70 -10.12 -3.60
CA THR A 36 -0.86 -10.81 -4.87
C THR A 36 -0.40 -12.25 -4.78
N GLY A 37 0.68 -12.46 -4.01
CA GLY A 37 1.21 -13.81 -3.86
C GLY A 37 0.20 -14.77 -3.27
N GLU A 38 -0.30 -15.68 -4.10
CA GLU A 38 -1.30 -16.65 -3.66
C GLU A 38 -0.87 -17.29 -2.33
N LYS A 39 -1.67 -17.09 -1.30
CA LYS A 39 -1.37 -17.64 0.02
C LYS A 39 -2.52 -18.53 0.51
N PRO A 40 -2.44 -19.82 0.20
CA PRO A 40 -3.46 -20.80 0.60
C PRO A 40 -3.47 -21.05 2.10
N SER A 41 -4.23 -20.23 2.83
CA SER A 41 -4.31 -20.36 4.28
C SER A 41 -5.20 -21.54 4.67
N GLY A 42 -4.61 -22.73 4.74
CA GLY A 42 -5.36 -23.92 5.10
C GLY A 42 -4.99 -24.44 6.48
N PRO A 43 -3.82 -25.08 6.58
CA PRO A 43 -3.34 -25.65 7.83
C PRO A 43 -2.94 -24.58 8.84
N SER A 44 -3.00 -23.32 8.41
CA SER A 44 -2.64 -22.20 9.27
C SER A 44 -3.86 -21.67 10.01
N SER A 45 -4.96 -21.49 9.27
CA SER A 45 -6.20 -20.99 9.86
C SER A 45 -7.39 -21.32 8.98
N GLY A 46 -8.45 -21.84 9.60
CA GLY A 46 -9.64 -22.19 8.85
C GLY A 46 -10.89 -21.58 9.43
ZN ZN B . -0.82 -4.28 2.07
N GLY A 1 0.84 23.81 12.01
CA GLY A 1 2.11 23.13 12.12
C GLY A 1 2.68 23.20 13.53
N SER A 2 2.05 22.49 14.45
CA SER A 2 2.49 22.47 15.84
C SER A 2 3.44 21.30 16.09
N SER A 3 4.35 21.07 15.15
CA SER A 3 5.32 19.98 15.27
C SER A 3 6.73 20.49 15.04
N GLY A 4 7.72 19.63 15.31
CA GLY A 4 9.10 20.00 15.13
C GLY A 4 9.46 20.20 13.67
N SER A 5 10.11 19.20 13.09
CA SER A 5 10.53 19.27 11.68
C SER A 5 9.47 18.62 10.79
N SER A 6 8.51 19.42 10.35
CA SER A 6 7.44 18.92 9.49
C SER A 6 8.00 18.53 8.12
N GLY A 7 8.86 19.37 7.57
CA GLY A 7 9.45 19.09 6.27
C GLY A 7 8.41 18.84 5.21
N THR A 8 8.14 19.86 4.38
CA THR A 8 7.15 19.74 3.32
C THR A 8 7.73 19.01 2.12
N GLY A 9 7.56 17.70 2.10
CA GLY A 9 8.07 16.90 0.99
C GLY A 9 8.15 15.42 1.34
N GLY A 10 7.48 14.59 0.54
CA GLY A 10 7.49 13.16 0.78
C GLY A 10 6.12 12.54 0.63
N LYS A 11 5.77 12.16 -0.59
CA LYS A 11 4.48 11.55 -0.86
C LYS A 11 4.41 10.14 -0.29
N HIS A 12 3.55 9.95 0.70
CA HIS A 12 3.39 8.64 1.34
C HIS A 12 2.52 7.73 0.48
N PHE A 13 3.04 6.53 0.20
CA PHE A 13 2.32 5.56 -0.60
C PHE A 13 1.63 4.52 0.28
N GLU A 14 0.31 4.46 0.18
CA GLU A 14 -0.46 3.51 0.98
C GLU A 14 -0.85 2.29 0.14
N CYS A 15 -1.03 1.15 0.80
CA CYS A 15 -1.40 -0.09 0.13
C CYS A 15 -2.91 -0.14 -0.12
N THR A 16 -3.29 -0.20 -1.40
CA THR A 16 -4.70 -0.27 -1.77
C THR A 16 -5.34 -1.58 -1.31
N GLU A 17 -4.49 -2.53 -0.92
CA GLU A 17 -4.97 -3.83 -0.45
C GLU A 17 -5.41 -3.77 1.00
N CYS A 18 -4.48 -3.44 1.89
CA CYS A 18 -4.78 -3.35 3.31
C CYS A 18 -4.92 -1.89 3.74
N GLY A 19 -3.98 -1.06 3.29
CA GLY A 19 -4.02 0.35 3.64
C GLY A 19 -2.81 0.79 4.44
N LYS A 20 -1.71 0.04 4.29
CA LYS A 20 -0.48 0.36 5.01
C LYS A 20 0.29 1.47 4.30
N ALA A 21 0.64 2.50 5.06
CA ALA A 21 1.38 3.64 4.51
C ALA A 21 2.88 3.43 4.65
N PHE A 22 3.60 3.59 3.54
CA PHE A 22 5.05 3.41 3.54
C PHE A 22 5.74 4.69 3.07
N THR A 23 6.82 5.05 3.76
CA THR A 23 7.58 6.25 3.42
C THR A 23 8.58 5.97 2.31
N ARG A 24 8.46 4.80 1.69
CA ARG A 24 9.36 4.41 0.61
C ARG A 24 8.60 3.68 -0.49
N LYS A 25 8.52 4.30 -1.66
CA LYS A 25 7.82 3.70 -2.80
C LYS A 25 8.30 2.27 -3.04
N SER A 26 9.61 2.05 -2.89
CA SER A 26 10.18 0.73 -3.10
C SER A 26 9.75 -0.23 -1.99
N THR A 27 9.80 0.25 -0.75
CA THR A 27 9.41 -0.56 0.40
C THR A 27 8.01 -1.14 0.22
N LEU A 28 7.07 -0.29 -0.15
CA LEU A 28 5.69 -0.73 -0.36
C LEU A 28 5.61 -1.75 -1.48
N SER A 29 6.15 -1.41 -2.64
CA SER A 29 6.13 -2.31 -3.79
C SER A 29 6.42 -3.73 -3.37
N MET A 30 7.30 -3.89 -2.38
CA MET A 30 7.67 -5.21 -1.89
C MET A 30 6.60 -5.76 -0.96
N HIS A 31 5.95 -4.87 -0.21
CA HIS A 31 4.89 -5.26 0.71
C HIS A 31 3.65 -5.72 -0.05
N GLN A 32 3.32 -5.01 -1.12
CA GLN A 32 2.15 -5.34 -1.92
C GLN A 32 2.21 -6.79 -2.40
N LYS A 33 3.41 -7.37 -2.37
CA LYS A 33 3.60 -8.75 -2.79
C LYS A 33 2.91 -9.72 -1.84
N ILE A 34 2.53 -9.21 -0.66
CA ILE A 34 1.85 -10.03 0.33
C ILE A 34 0.39 -10.24 -0.03
N HIS A 35 -0.07 -9.52 -1.05
CA HIS A 35 -1.45 -9.62 -1.50
C HIS A 35 -1.54 -10.31 -2.86
N THR A 36 -0.50 -10.14 -3.67
CA THR A 36 -0.44 -10.74 -5.00
C THR A 36 -0.22 -12.25 -4.90
N GLY A 37 0.67 -12.65 -4.01
CA GLY A 37 0.97 -14.06 -3.83
C GLY A 37 -0.25 -14.86 -3.39
N GLU A 38 -0.39 -15.02 -2.08
CA GLU A 38 -1.52 -15.77 -1.53
C GLU A 38 -2.83 -15.01 -1.71
N LYS A 39 -3.92 -15.74 -1.84
CA LYS A 39 -5.24 -15.14 -2.03
C LYS A 39 -5.96 -14.99 -0.70
N PRO A 40 -6.88 -14.01 -0.62
CA PRO A 40 -7.67 -13.75 0.59
C PRO A 40 -8.67 -14.85 0.88
N SER A 41 -9.24 -14.82 2.08
CA SER A 41 -10.21 -15.83 2.49
C SER A 41 -11.56 -15.18 2.77
N GLY A 42 -12.39 -15.06 1.74
CA GLY A 42 -13.70 -14.46 1.88
C GLY A 42 -14.54 -14.58 0.63
N PRO A 43 -15.84 -14.29 0.76
CA PRO A 43 -16.79 -14.36 -0.36
C PRO A 43 -16.54 -13.26 -1.40
N SER A 44 -16.78 -13.59 -2.67
CA SER A 44 -16.57 -12.63 -3.74
C SER A 44 -17.50 -11.42 -3.58
N SER A 45 -18.79 -11.68 -3.49
CA SER A 45 -19.77 -10.62 -3.34
C SER A 45 -19.28 -9.55 -2.37
N GLY A 46 -18.42 -9.97 -1.44
CA GLY A 46 -17.87 -9.04 -0.46
C GLY A 46 -16.72 -8.23 -1.01
ZN ZN B . -0.99 -4.38 1.96
N GLY A 1 -20.87 15.62 5.06
CA GLY A 1 -20.32 16.96 5.09
C GLY A 1 -18.80 16.96 5.14
N SER A 2 -18.17 16.89 3.97
CA SER A 2 -16.71 16.88 3.88
C SER A 2 -16.20 18.15 3.20
N SER A 3 -15.62 19.04 4.00
CA SER A 3 -15.09 20.29 3.48
C SER A 3 -13.59 20.41 3.75
N GLY A 4 -12.84 20.74 2.71
CA GLY A 4 -11.40 20.87 2.85
C GLY A 4 -10.65 19.67 2.30
N SER A 5 -9.32 19.68 2.45
CA SER A 5 -8.50 18.59 1.96
C SER A 5 -7.15 18.56 2.69
N SER A 6 -6.68 17.36 2.99
CA SER A 6 -5.41 17.19 3.69
C SER A 6 -4.31 16.78 2.72
N GLY A 7 -3.05 17.03 3.10
CA GLY A 7 -1.93 16.68 2.26
C GLY A 7 -0.60 16.93 2.93
N THR A 8 -0.25 16.07 3.89
CA THR A 8 1.01 16.20 4.60
C THR A 8 2.19 15.86 3.71
N GLY A 9 3.32 16.55 3.94
CA GLY A 9 4.51 16.30 3.15
C GLY A 9 5.08 14.92 3.38
N GLY A 10 5.78 14.40 2.37
CA GLY A 10 6.38 13.08 2.48
C GLY A 10 6.01 12.17 1.32
N LYS A 11 4.87 12.44 0.70
CA LYS A 11 4.40 11.65 -0.42
C LYS A 11 4.39 10.16 -0.07
N HIS A 12 3.84 9.84 1.09
CA HIS A 12 3.76 8.45 1.55
C HIS A 12 2.81 7.64 0.67
N PHE A 13 3.19 6.40 0.37
CA PHE A 13 2.38 5.52 -0.45
C PHE A 13 1.63 4.51 0.40
N GLU A 14 0.31 4.44 0.22
CA GLU A 14 -0.52 3.52 0.98
C GLU A 14 -0.84 2.28 0.14
N CYS A 15 -0.99 1.15 0.81
CA CYS A 15 -1.30 -0.11 0.14
C CYS A 15 -2.79 -0.21 -0.17
N THR A 16 -3.11 -0.23 -1.47
CA THR A 16 -4.50 -0.32 -1.91
C THR A 16 -5.14 -1.63 -1.45
N GLU A 17 -4.31 -2.58 -1.06
CA GLU A 17 -4.78 -3.88 -0.60
C GLU A 17 -5.30 -3.79 0.83
N CYS A 18 -4.40 -3.50 1.76
CA CYS A 18 -4.76 -3.38 3.17
C CYS A 18 -4.94 -1.92 3.57
N GLY A 19 -4.00 -1.08 3.14
CA GLY A 19 -4.08 0.34 3.46
C GLY A 19 -2.89 0.81 4.28
N LYS A 20 -1.82 0.02 4.27
CA LYS A 20 -0.61 0.36 5.02
C LYS A 20 0.16 1.47 4.33
N ALA A 21 0.57 2.48 5.10
CA ALA A 21 1.32 3.60 4.56
C ALA A 21 2.83 3.38 4.70
N PHE A 22 3.56 3.57 3.61
CA PHE A 22 5.00 3.39 3.61
C PHE A 22 5.72 4.68 3.23
N THR A 23 6.84 4.95 3.87
CA THR A 23 7.62 6.15 3.61
C THR A 23 8.58 5.93 2.44
N ARG A 24 8.38 4.83 1.71
CA ARG A 24 9.24 4.51 0.58
C ARG A 24 8.43 3.83 -0.53
N LYS A 25 8.52 4.37 -1.74
CA LYS A 25 7.80 3.82 -2.89
C LYS A 25 8.29 2.41 -3.21
N SER A 26 9.59 2.18 -3.04
CA SER A 26 10.17 0.87 -3.31
C SER A 26 9.82 -0.12 -2.22
N THR A 27 9.78 0.36 -0.98
CA THR A 27 9.46 -0.48 0.16
C THR A 27 8.05 -1.07 0.03
N LEU A 28 7.08 -0.22 -0.26
CA LEU A 28 5.70 -0.65 -0.42
C LEU A 28 5.58 -1.67 -1.54
N SER A 29 6.18 -1.37 -2.68
CA SER A 29 6.14 -2.26 -3.84
C SER A 29 6.46 -3.69 -3.43
N MET A 30 7.25 -3.84 -2.36
CA MET A 30 7.63 -5.15 -1.87
C MET A 30 6.58 -5.71 -0.92
N HIS A 31 5.89 -4.80 -0.21
CA HIS A 31 4.86 -5.21 0.73
C HIS A 31 3.59 -5.64 0.01
N GLN A 32 3.23 -4.88 -1.04
CA GLN A 32 2.04 -5.19 -1.82
C GLN A 32 2.09 -6.61 -2.36
N LYS A 33 3.28 -7.20 -2.35
CA LYS A 33 3.46 -8.56 -2.83
C LYS A 33 2.82 -9.57 -1.90
N ILE A 34 2.47 -9.12 -0.69
CA ILE A 34 1.84 -9.99 0.29
C ILE A 34 0.36 -10.21 -0.03
N HIS A 35 -0.14 -9.45 -1.00
CA HIS A 35 -1.54 -9.57 -1.41
C HIS A 35 -1.64 -10.17 -2.81
N THR A 36 -0.54 -10.75 -3.28
CA THR A 36 -0.51 -11.38 -4.60
C THR A 36 -0.39 -12.88 -4.51
N GLY A 37 -0.68 -13.42 -3.33
CA GLY A 37 -0.60 -14.86 -3.12
C GLY A 37 -1.94 -15.48 -2.77
N GLU A 38 -2.96 -15.15 -3.55
CA GLU A 38 -4.31 -15.67 -3.32
C GLU A 38 -4.29 -17.20 -3.29
N LYS A 39 -5.45 -17.79 -2.99
CA LYS A 39 -5.58 -19.23 -2.93
C LYS A 39 -6.46 -19.75 -4.07
N PRO A 40 -5.86 -19.89 -5.25
CA PRO A 40 -6.58 -20.39 -6.44
C PRO A 40 -6.94 -21.86 -6.33
N SER A 41 -6.51 -22.50 -5.24
CA SER A 41 -6.79 -23.91 -5.02
C SER A 41 -8.29 -24.16 -4.95
N GLY A 42 -8.97 -23.38 -4.12
CA GLY A 42 -10.41 -23.54 -3.97
C GLY A 42 -11.19 -22.72 -4.98
N PRO A 43 -12.50 -22.58 -4.75
CA PRO A 43 -13.39 -21.83 -5.65
C PRO A 43 -13.12 -20.32 -5.60
N SER A 44 -13.79 -19.57 -6.47
CA SER A 44 -13.62 -18.13 -6.53
C SER A 44 -14.97 -17.42 -6.54
N SER A 45 -15.76 -17.71 -7.57
CA SER A 45 -17.08 -17.09 -7.69
C SER A 45 -17.77 -16.99 -6.34
N GLY A 46 -18.49 -15.89 -6.12
CA GLY A 46 -19.18 -15.69 -4.87
C GLY A 46 -18.55 -14.61 -4.01
ZN ZN B . -0.84 -4.38 2.06
N GLY A 1 -10.17 16.67 10.27
CA GLY A 1 -9.17 16.01 11.07
C GLY A 1 -7.93 16.87 11.27
N SER A 2 -7.48 16.97 12.52
CA SER A 2 -6.30 17.78 12.84
C SER A 2 -5.18 16.90 13.39
N SER A 3 -4.33 16.41 12.49
CA SER A 3 -3.21 15.56 12.88
C SER A 3 -2.00 16.39 13.27
N GLY A 4 -1.68 17.39 12.44
CA GLY A 4 -0.54 18.24 12.73
C GLY A 4 0.70 17.84 11.95
N SER A 5 0.63 17.97 10.63
CA SER A 5 1.76 17.62 9.77
C SER A 5 2.78 18.74 9.71
N SER A 6 4.02 18.43 10.09
CA SER A 6 5.09 19.42 10.09
C SER A 6 5.65 19.61 8.69
N GLY A 7 4.99 20.46 7.91
CA GLY A 7 5.44 20.72 6.55
C GLY A 7 4.36 20.46 5.53
N THR A 8 4.49 21.08 4.36
CA THR A 8 3.51 20.91 3.29
C THR A 8 3.91 19.77 2.35
N GLY A 9 4.43 18.69 2.94
CA GLY A 9 4.84 17.55 2.13
C GLY A 9 4.28 16.25 2.67
N GLY A 10 4.61 15.15 2.01
CA GLY A 10 4.11 13.85 2.43
C GLY A 10 3.90 12.90 1.26
N LYS A 11 4.99 12.39 0.70
CA LYS A 11 4.91 11.48 -0.43
C LYS A 11 4.76 10.03 0.06
N HIS A 12 3.95 9.84 1.08
CA HIS A 12 3.72 8.51 1.65
C HIS A 12 2.76 7.72 0.76
N PHE A 13 3.16 6.50 0.40
CA PHE A 13 2.34 5.64 -0.44
C PHE A 13 1.57 4.63 0.40
N GLU A 14 0.25 4.64 0.27
CA GLU A 14 -0.60 3.73 1.02
C GLU A 14 -1.01 2.53 0.16
N CYS A 15 -0.86 1.33 0.73
CA CYS A 15 -1.21 0.12 0.02
C CYS A 15 -2.68 0.12 -0.39
N THR A 16 -2.94 -0.11 -1.68
CA THR A 16 -4.30 -0.12 -2.21
C THR A 16 -4.95 -1.48 -1.99
N GLU A 17 -4.44 -2.23 -1.01
CA GLU A 17 -4.99 -3.54 -0.70
C GLU A 17 -5.41 -3.63 0.76
N CYS A 18 -4.50 -3.29 1.66
CA CYS A 18 -4.78 -3.32 3.09
C CYS A 18 -4.89 -1.91 3.66
N GLY A 19 -4.04 -1.00 3.16
CA GLY A 19 -4.07 0.37 3.64
C GLY A 19 -2.82 0.72 4.43
N LYS A 20 -1.75 -0.03 4.23
CA LYS A 20 -0.49 0.21 4.93
C LYS A 20 0.28 1.34 4.27
N ALA A 21 0.63 2.36 5.05
CA ALA A 21 1.38 3.50 4.54
C ALA A 21 2.88 3.27 4.67
N PHE A 22 3.60 3.47 3.59
CA PHE A 22 5.05 3.29 3.58
C PHE A 22 5.76 4.58 3.16
N THR A 23 6.85 4.90 3.87
CA THR A 23 7.61 6.11 3.57
C THR A 23 8.56 5.87 2.41
N ARG A 24 8.41 4.74 1.74
CA ARG A 24 9.26 4.40 0.60
C ARG A 24 8.45 3.69 -0.48
N LYS A 25 8.25 4.37 -1.60
CA LYS A 25 7.50 3.81 -2.72
C LYS A 25 8.01 2.42 -3.08
N SER A 26 9.34 2.25 -3.08
CA SER A 26 9.94 0.97 -3.40
C SER A 26 9.62 -0.07 -2.33
N THR A 27 9.67 0.35 -1.07
CA THR A 27 9.38 -0.54 0.05
C THR A 27 7.98 -1.13 -0.08
N LEU A 28 6.98 -0.27 -0.20
CA LEU A 28 5.59 -0.70 -0.33
C LEU A 28 5.45 -1.74 -1.42
N SER A 29 5.94 -1.41 -2.62
CA SER A 29 5.86 -2.31 -3.76
C SER A 29 6.24 -3.73 -3.36
N MET A 30 7.17 -3.84 -2.41
CA MET A 30 7.62 -5.14 -1.93
C MET A 30 6.60 -5.75 -0.96
N HIS A 31 5.91 -4.89 -0.24
CA HIS A 31 4.91 -5.35 0.73
C HIS A 31 3.67 -5.86 0.01
N GLN A 32 3.20 -5.11 -0.98
CA GLN A 32 2.03 -5.50 -1.75
C GLN A 32 2.11 -6.95 -2.20
N LYS A 33 3.33 -7.40 -2.45
CA LYS A 33 3.57 -8.78 -2.89
C LYS A 33 2.89 -9.77 -1.96
N ILE A 34 2.77 -9.40 -0.69
CA ILE A 34 2.13 -10.26 0.31
C ILE A 34 0.67 -10.50 -0.04
N HIS A 35 0.05 -9.53 -0.70
CA HIS A 35 -1.35 -9.63 -1.09
C HIS A 35 -1.50 -10.45 -2.36
N THR A 36 -0.56 -10.30 -3.28
CA THR A 36 -0.59 -11.03 -4.55
C THR A 36 0.29 -12.26 -4.48
N GLY A 37 0.71 -12.63 -3.27
CA GLY A 37 1.56 -13.80 -3.10
C GLY A 37 0.99 -14.79 -2.11
N GLU A 38 1.37 -14.65 -0.84
CA GLU A 38 0.89 -15.54 0.21
C GLU A 38 -0.28 -14.93 0.95
N LYS A 39 -1.33 -15.72 1.17
CA LYS A 39 -2.51 -15.26 1.86
C LYS A 39 -3.13 -16.38 2.69
N PRO A 40 -3.83 -16.00 3.77
CA PRO A 40 -4.48 -16.96 4.67
C PRO A 40 -5.68 -17.65 4.02
N SER A 41 -6.08 -18.78 4.57
CA SER A 41 -7.21 -19.54 4.03
C SER A 41 -8.27 -18.60 3.47
N GLY A 42 -8.87 -17.80 4.35
CA GLY A 42 -9.90 -16.86 3.91
C GLY A 42 -9.35 -15.47 3.68
N PRO A 43 -10.25 -14.50 3.50
CA PRO A 43 -9.88 -13.10 3.25
C PRO A 43 -9.28 -12.44 4.49
N SER A 44 -8.34 -11.52 4.28
CA SER A 44 -7.69 -10.82 5.38
C SER A 44 -8.06 -9.34 5.38
N SER A 45 -8.51 -8.85 6.51
CA SER A 45 -8.91 -7.45 6.64
C SER A 45 -8.49 -6.89 8.00
N GLY A 46 -8.02 -5.64 8.00
CA GLY A 46 -7.59 -5.02 9.24
C GLY A 46 -6.28 -4.25 9.08
ZN ZN B . -0.97 -4.20 1.89
N GLY A 1 -6.75 30.02 -8.99
CA GLY A 1 -7.22 29.85 -7.62
C GLY A 1 -6.08 29.85 -6.61
N SER A 2 -5.27 28.80 -6.65
CA SER A 2 -4.15 28.68 -5.72
C SER A 2 -2.89 29.30 -6.31
N SER A 3 -1.98 29.71 -5.44
CA SER A 3 -0.73 30.34 -5.87
C SER A 3 0.36 29.29 -6.09
N GLY A 4 0.02 28.27 -6.86
CA GLY A 4 0.99 27.21 -7.14
C GLY A 4 0.32 25.92 -7.56
N SER A 5 0.54 24.86 -6.77
CA SER A 5 -0.04 23.56 -7.08
C SER A 5 0.09 22.62 -5.88
N SER A 6 -1.03 22.05 -5.46
CA SER A 6 -1.04 21.14 -4.31
C SER A 6 0.02 20.06 -4.48
N GLY A 7 1.13 20.22 -3.75
CA GLY A 7 2.21 19.25 -3.83
C GLY A 7 3.46 19.72 -3.11
N THR A 8 3.27 20.37 -1.96
CA THR A 8 4.39 20.88 -1.18
C THR A 8 4.47 20.18 0.18
N GLY A 9 4.19 18.87 0.19
CA GLY A 9 4.24 18.12 1.42
C GLY A 9 4.98 16.80 1.28
N GLY A 10 4.81 15.92 2.25
CA GLY A 10 5.48 14.63 2.20
C GLY A 10 4.68 13.59 1.43
N LYS A 11 5.30 13.01 0.40
CA LYS A 11 4.63 11.99 -0.41
C LYS A 11 4.70 10.63 0.27
N HIS A 12 3.54 10.02 0.48
CA HIS A 12 3.46 8.71 1.11
C HIS A 12 2.65 7.73 0.25
N PHE A 13 3.12 6.49 0.16
CA PHE A 13 2.44 5.48 -0.62
C PHE A 13 1.70 4.49 0.29
N GLU A 14 0.40 4.37 0.09
CA GLU A 14 -0.42 3.46 0.89
C GLU A 14 -0.81 2.22 0.08
N CYS A 15 -0.89 1.09 0.76
CA CYS A 15 -1.26 -0.16 0.12
C CYS A 15 -2.75 -0.21 -0.17
N THR A 16 -3.11 -0.22 -1.46
CA THR A 16 -4.50 -0.28 -1.87
C THR A 16 -5.15 -1.59 -1.44
N GLU A 17 -4.34 -2.51 -0.94
CA GLU A 17 -4.85 -3.80 -0.50
C GLU A 17 -5.31 -3.75 0.96
N CYS A 18 -4.38 -3.42 1.85
CA CYS A 18 -4.70 -3.32 3.27
C CYS A 18 -4.85 -1.87 3.70
N GLY A 19 -3.98 -1.01 3.19
CA GLY A 19 -4.04 0.40 3.54
C GLY A 19 -2.86 0.85 4.37
N LYS A 20 -1.74 0.12 4.25
CA LYS A 20 -0.54 0.45 5.00
C LYS A 20 0.26 1.54 4.29
N ALA A 21 0.66 2.56 5.04
CA ALA A 21 1.43 3.66 4.48
C ALA A 21 2.93 3.44 4.69
N PHE A 22 3.69 3.55 3.61
CA PHE A 22 5.14 3.35 3.68
C PHE A 22 5.87 4.65 3.34
N THR A 23 6.91 4.95 4.10
CA THR A 23 7.70 6.16 3.89
C THR A 23 8.43 6.10 2.56
N ARG A 24 8.35 4.95 1.89
CA ARG A 24 9.02 4.77 0.61
C ARG A 24 8.18 3.90 -0.32
N LYS A 25 8.08 4.30 -1.58
CA LYS A 25 7.32 3.55 -2.57
C LYS A 25 8.00 2.23 -2.91
N SER A 26 9.33 2.23 -2.86
CA SER A 26 10.10 1.03 -3.17
C SER A 26 9.88 -0.04 -2.11
N THR A 27 9.86 0.37 -0.85
CA THR A 27 9.66 -0.56 0.26
C THR A 27 8.25 -1.14 0.24
N LEU A 28 7.30 -0.35 -0.26
CA LEU A 28 5.91 -0.79 -0.33
C LEU A 28 5.71 -1.79 -1.46
N SER A 29 6.19 -1.44 -2.65
CA SER A 29 6.07 -2.31 -3.81
C SER A 29 6.35 -3.76 -3.44
N MET A 30 7.24 -3.95 -2.48
CA MET A 30 7.61 -5.29 -2.03
C MET A 30 6.54 -5.85 -1.07
N HIS A 31 5.94 -4.96 -0.30
CA HIS A 31 4.91 -5.37 0.66
C HIS A 31 3.64 -5.81 -0.07
N GLN A 32 3.27 -5.07 -1.11
CA GLN A 32 2.08 -5.39 -1.89
C GLN A 32 2.10 -6.83 -2.37
N LYS A 33 3.30 -7.41 -2.42
CA LYS A 33 3.47 -8.79 -2.85
C LYS A 33 2.76 -9.76 -1.90
N ILE A 34 2.58 -9.33 -0.66
CA ILE A 34 1.92 -10.15 0.34
C ILE A 34 0.44 -10.32 0.01
N HIS A 35 -0.05 -9.54 -0.95
CA HIS A 35 -1.45 -9.61 -1.36
C HIS A 35 -1.58 -10.28 -2.73
N THR A 36 -0.55 -10.12 -3.56
CA THR A 36 -0.56 -10.70 -4.89
C THR A 36 -0.64 -12.23 -4.83
N GLY A 37 0.08 -12.81 -3.89
CA GLY A 37 0.08 -14.26 -3.74
C GLY A 37 1.42 -14.87 -4.08
N GLU A 38 1.40 -16.13 -4.51
CA GLU A 38 2.62 -16.84 -4.87
C GLU A 38 2.78 -16.92 -6.38
N LYS A 39 3.99 -17.24 -6.83
CA LYS A 39 4.27 -17.34 -8.25
C LYS A 39 3.96 -18.74 -8.77
N PRO A 40 3.34 -18.81 -9.96
CA PRO A 40 2.96 -20.08 -10.59
C PRO A 40 4.18 -20.87 -11.06
N SER A 41 5.32 -20.19 -11.19
CA SER A 41 6.55 -20.83 -11.63
C SER A 41 7.29 -21.46 -10.45
N GLY A 42 7.80 -22.67 -10.65
CA GLY A 42 8.53 -23.36 -9.61
C GLY A 42 7.63 -24.25 -8.76
N PRO A 43 7.59 -25.55 -9.11
CA PRO A 43 6.78 -26.53 -8.39
C PRO A 43 7.30 -26.81 -6.98
N SER A 44 8.50 -26.32 -6.69
CA SER A 44 9.12 -26.51 -5.39
C SER A 44 9.45 -25.17 -4.74
N SER A 45 8.92 -24.95 -3.55
CA SER A 45 9.16 -23.71 -2.82
C SER A 45 10.05 -23.95 -1.60
N GLY A 46 11.36 -23.95 -1.82
CA GLY A 46 12.29 -24.17 -0.74
C GLY A 46 12.82 -22.88 -0.15
ZN ZN B . -0.83 -4.43 2.03
#